data_4ZT7
#
_entry.id   4ZT7
#
_cell.length_a   86.627
_cell.length_b   105.842
_cell.length_c   207.189
_cell.angle_alpha   90.000
_cell.angle_beta   90.000
_cell.angle_gamma   90.000
#
_symmetry.space_group_name_H-M   'P 21 21 21'
#
loop_
_entity.id
_entity.type
_entity.pdbx_description
1 polymer 'Methionyl-tRNA synthetase'
2 non-polymer METHIONINE
3 non-polymer 'DIMETHYL SULFOXIDE'
4 non-polymer "N-[(4R)-6,8-dichloro-1,2,3,4-tetrahydroquinolin-4-yl]-N'-(5-fluoro-3H-imidazo[4,5-b]pyridin-2-yl)propane-1,3-diamine"
5 non-polymer GLYCEROL
6 water water
#
_entity_poly.entity_id   1
_entity_poly.type   'polypeptide(L)'
_entity_poly.pdbx_seq_one_letter_code
;GPGSMKVEKVFFVTSPIYYVNAAPHIGHVYSTLITDVIGRYHRVKGERVFALTGTDEHGQKVAEAAKQKQVSPYDFTTAV
AGEFKKCFEQMDYSIDYFIRTTNEQHKAVVKELWTKLEQKGDIYLGRYEGWYSISDESFLTPQNITDGVDKDGNPCKVSL
ESGHVVTWVSEENYMFRLSAFRERLLEWYHANPGCIVPEFRRREVIRAVEKGLPDLSVSRARATLHNWAIPVPGNPDH
(CAS)VYVWLDALTNYLTGSRLRVDESGKEVSLVDDFNELERFPADVHVIGKDILKFHAIYWPAFLLSAGLPLPKKIVAH
GWWTKDRKKISKSLGNVFDPVEKAEEFGYDALKYFLLRESGFSDDGDYSDKNMIARLNGELADTLGNLVMRCTSAKINVN
GEWPSPAAYTEEDESLIQLIKDLPGTADHYYLIPDIQKAIIAVFDVLRAINAYVTDMAPWKLVKTDPERLRTVLYITLEG
VRVTTLLLSPILPRKSVVIFDMLGVPEVHRKGIENFEFGAVPPGTRLGPAVEGEVLFSKRSTENTKST
;
_entity_poly.pdbx_strand_id   A,B
#
loop_
_chem_comp.id
_chem_comp.type
_chem_comp.name
_chem_comp.formula
4RC non-polymer N-[(4R)-6,8-dichloro-1,2,3,4-tetrahydroquinolin-4-yl]-N'-(5-fluoro-3H-imidazo[4,5-b]pyridin-2-yl)propane-1,3-diamine 'C18 H19 Cl2 F N6'
DMS non-polymer 'DIMETHYL SULFOXIDE' 'C2 H6 O S'
GOL non-polymer GLYCEROL 'C3 H8 O3'
#
# COMPACT_ATOMS: atom_id res chain seq x y z
N VAL A 7 7.90 -20.55 22.76
CA VAL A 7 9.11 -21.43 22.88
C VAL A 7 10.37 -20.75 22.32
N GLU A 8 11.19 -20.19 23.22
CA GLU A 8 12.45 -19.56 22.85
C GLU A 8 13.46 -20.63 22.40
N LYS A 9 13.95 -20.47 21.18
CA LYS A 9 14.98 -21.33 20.63
C LYS A 9 15.86 -20.55 19.67
N VAL A 10 16.88 -21.21 19.16
CA VAL A 10 17.73 -20.63 18.13
C VAL A 10 17.03 -20.77 16.79
N PHE A 11 16.76 -19.65 16.12
CA PHE A 11 16.13 -19.68 14.82
C PHE A 11 17.08 -20.36 13.85
N PHE A 12 16.63 -21.47 13.28
CA PHE A 12 17.45 -22.34 12.46
C PHE A 12 16.96 -22.28 11.02
N VAL A 13 17.81 -21.74 10.15
CA VAL A 13 17.49 -21.56 8.73
C VAL A 13 18.61 -22.18 7.89
N THR A 14 18.20 -22.91 6.85
CA THR A 14 19.14 -23.67 6.02
C THR A 14 18.97 -23.36 4.54
N SER A 15 20.05 -23.61 3.79
CA SER A 15 19.98 -23.68 2.34
C SER A 15 20.10 -25.16 1.97
N PRO A 16 19.87 -25.50 0.69
CA PRO A 16 20.24 -26.84 0.31
C PRO A 16 21.76 -26.93 0.36
N ILE A 17 22.27 -28.15 0.47
CA ILE A 17 23.70 -28.38 0.28
C ILE A 17 23.87 -28.81 -1.16
N TYR A 18 24.85 -28.21 -1.85
CA TYR A 18 24.94 -28.25 -3.31
C TYR A 18 25.88 -29.32 -3.80
N TYR A 19 25.51 -29.98 -4.89
CA TYR A 19 26.37 -31.01 -5.47
C TYR A 19 27.60 -30.34 -6.01
N VAL A 20 28.75 -30.97 -5.76
CA VAL A 20 30.04 -30.41 -6.17
C VAL A 20 30.55 -30.96 -7.50
N ASN A 21 29.64 -31.41 -8.36
CA ASN A 21 30.05 -31.88 -9.68
C ASN A 21 30.56 -30.76 -10.57
N ALA A 22 30.15 -29.55 -10.25
CA ALA A 22 30.47 -28.39 -11.05
C ALA A 22 30.60 -27.18 -10.14
N ALA A 23 31.08 -26.11 -10.75
CA ALA A 23 31.42 -24.90 -10.03
C ALA A 23 30.16 -24.20 -9.53
N PRO A 24 30.30 -23.37 -8.50
CA PRO A 24 29.16 -22.55 -8.08
C PRO A 24 28.67 -21.62 -9.19
N HIS A 25 27.35 -21.46 -9.26
CA HIS A 25 26.72 -20.59 -10.24
C HIS A 25 25.54 -19.84 -9.57
N ILE A 26 24.86 -19.03 -10.36
CA ILE A 26 23.77 -18.19 -9.85
C ILE A 26 22.70 -18.93 -9.03
N GLY A 27 22.26 -20.10 -9.49
CA GLY A 27 21.37 -20.95 -8.70
C GLY A 27 21.74 -21.11 -7.22
N HIS A 28 22.97 -21.49 -6.95
CA HIS A 28 23.40 -21.72 -5.56
C HIS A 28 23.49 -20.42 -4.77
N VAL A 29 23.94 -19.38 -5.47
CA VAL A 29 24.09 -18.07 -4.87
C VAL A 29 22.71 -17.52 -4.47
N TYR A 30 21.72 -17.75 -5.33
CA TYR A 30 20.34 -17.34 -5.05
C TYR A 30 19.76 -18.09 -3.85
N SER A 31 19.85 -19.40 -3.86
CA SER A 31 19.32 -20.19 -2.73
C SER A 31 19.94 -19.73 -1.41
N THR A 32 21.25 -19.58 -1.41
CA THR A 32 21.97 -19.20 -0.20
C THR A 32 21.71 -17.73 0.17
N LEU A 33 21.46 -16.88 -0.81
CA LEU A 33 21.07 -15.50 -0.55
C LEU A 33 19.76 -15.43 0.25
N ILE A 34 18.78 -16.22 -0.16
CA ILE A 34 17.50 -16.28 0.54
C ILE A 34 17.70 -16.71 1.98
N THR A 35 18.47 -17.78 2.16
CA THR A 35 18.80 -18.28 3.50
C THR A 35 19.42 -17.16 4.32
N ASP A 36 20.36 -16.44 3.70
CA ASP A 36 21.09 -15.38 4.37
C ASP A 36 20.19 -14.21 4.78
N VAL A 37 19.30 -13.82 3.88
CA VAL A 37 18.37 -12.74 4.14
C VAL A 37 17.43 -13.07 5.30
N ILE A 38 16.90 -14.29 5.31
CA ILE A 38 16.04 -14.73 6.41
C ILE A 38 16.83 -14.67 7.71
N GLY A 39 18.04 -15.23 7.70
CA GLY A 39 18.91 -15.23 8.87
C GLY A 39 19.14 -13.83 9.38
N ARG A 40 19.47 -12.92 8.47
CA ARG A 40 19.75 -11.55 8.84
C ARG A 40 18.51 -10.89 9.44
N TYR A 41 17.34 -11.05 8.81
CA TYR A 41 16.13 -10.46 9.37
C TYR A 41 15.92 -10.88 10.83
N HIS A 42 16.09 -12.16 11.14
CA HIS A 42 15.84 -12.63 12.52
C HIS A 42 16.89 -12.13 13.50
N ARG A 43 18.13 -11.97 13.03
CA ARG A 43 19.18 -11.34 13.84
C ARG A 43 18.86 -9.86 14.11
N VAL A 44 18.32 -9.13 13.13
CA VAL A 44 17.94 -7.73 13.37
C VAL A 44 16.75 -7.64 14.33
N LYS A 45 15.92 -8.68 14.31
CA LYS A 45 14.79 -8.78 15.21
C LYS A 45 15.24 -9.04 16.66
N GLY A 46 16.50 -9.42 16.84
CA GLY A 46 17.09 -9.63 18.16
C GLY A 46 17.15 -11.10 18.57
N GLU A 47 16.82 -11.99 17.65
CA GLU A 47 16.77 -13.42 17.95
C GLU A 47 18.14 -14.08 17.77
N ARG A 48 18.36 -15.19 18.46
CA ARG A 48 19.49 -16.05 18.18
C ARG A 48 19.24 -16.75 16.85
N VAL A 49 20.28 -16.83 16.02
CA VAL A 49 20.18 -17.43 14.70
C VAL A 49 21.35 -18.37 14.42
N PHE A 50 21.05 -19.43 13.68
CA PHE A 50 22.05 -20.32 13.11
C PHE A 50 21.66 -20.58 11.67
N ALA A 51 22.42 -20.03 10.74
CA ALA A 51 22.15 -20.20 9.33
C ALA A 51 23.17 -21.20 8.78
N LEU A 52 22.69 -22.14 7.97
CA LEU A 52 23.49 -23.25 7.49
C LEU A 52 23.47 -23.32 5.97
N THR A 53 24.64 -23.59 5.39
CA THR A 53 24.75 -23.92 3.98
C THR A 53 25.87 -24.93 3.81
N GLY A 54 26.08 -25.43 2.61
CA GLY A 54 27.18 -26.38 2.37
C GLY A 54 27.12 -27.21 1.11
N THR A 55 27.90 -28.27 1.09
CA THR A 55 28.09 -29.05 -0.12
C THR A 55 27.74 -30.51 0.08
N ASP A 56 27.18 -31.09 -0.98
CA ASP A 56 26.76 -32.47 -1.07
C ASP A 56 27.82 -33.19 -1.88
N GLU A 57 28.64 -34.00 -1.21
CA GLU A 57 29.91 -34.42 -1.79
C GLU A 57 30.01 -35.88 -2.21
N HIS A 58 29.10 -36.74 -1.75
CA HIS A 58 29.11 -38.15 -2.13
C HIS A 58 28.22 -38.43 -3.34
N GLY A 59 28.25 -39.69 -3.77
CA GLY A 59 27.28 -40.19 -4.73
C GLY A 59 27.88 -40.37 -6.09
N GLN A 60 27.16 -41.12 -6.93
CA GLN A 60 27.57 -41.48 -8.27
C GLN A 60 27.90 -40.26 -9.14
N LYS A 61 27.01 -39.28 -9.12
CA LYS A 61 27.18 -38.05 -9.88
C LYS A 61 28.51 -37.31 -9.67
N VAL A 62 28.83 -37.04 -8.42
CA VAL A 62 30.10 -36.39 -8.09
C VAL A 62 31.29 -37.24 -8.51
N ALA A 63 31.25 -38.53 -8.20
CA ALA A 63 32.36 -39.42 -8.51
C ALA A 63 32.61 -39.49 -10.02
N GLU A 64 31.54 -39.39 -10.81
CA GLU A 64 31.69 -39.42 -12.27
C GLU A 64 32.22 -38.10 -12.82
N ALA A 65 31.85 -36.99 -12.18
CA ALA A 65 32.44 -35.71 -12.50
C ALA A 65 33.94 -35.71 -12.22
N ALA A 66 34.33 -36.22 -11.05
CA ALA A 66 35.74 -36.37 -10.67
C ALA A 66 36.49 -37.24 -11.68
N LYS A 67 35.91 -38.39 -12.02
CA LYS A 67 36.50 -39.29 -13.02
C LYS A 67 36.62 -38.61 -14.38
N GLN A 68 35.60 -37.82 -14.74
CA GLN A 68 35.65 -36.99 -15.94
C GLN A 68 36.86 -36.05 -15.92
N LYS A 69 37.06 -35.35 -14.80
CA LYS A 69 38.22 -34.47 -14.63
C LYS A 69 39.55 -35.21 -14.35
N GLN A 70 39.52 -36.54 -14.36
CA GLN A 70 40.71 -37.36 -14.11
C GLN A 70 41.41 -37.02 -12.80
N VAL A 71 40.62 -36.92 -11.72
CA VAL A 71 41.18 -36.69 -10.40
C VAL A 71 40.38 -37.50 -9.35
N SER A 72 40.99 -37.78 -8.20
CA SER A 72 40.33 -38.57 -7.15
C SER A 72 39.14 -37.79 -6.60
N PRO A 73 38.07 -38.52 -6.24
CA PRO A 73 36.91 -37.88 -5.64
C PRO A 73 37.27 -37.00 -4.43
N TYR A 74 38.23 -37.45 -3.64
CA TYR A 74 38.64 -36.72 -2.44
C TYR A 74 39.17 -35.35 -2.80
N ASP A 75 40.11 -35.32 -3.74
CA ASP A 75 40.74 -34.08 -4.19
C ASP A 75 39.71 -33.18 -4.85
N PHE A 76 38.86 -33.80 -5.65
CA PHE A 76 37.90 -33.10 -6.46
C PHE A 76 36.88 -32.38 -5.60
N THR A 77 36.36 -33.08 -4.60
CA THR A 77 35.37 -32.49 -3.71
C THR A 77 35.98 -31.39 -2.89
N THR A 78 37.20 -31.61 -2.41
CA THR A 78 37.85 -30.60 -1.57
C THR A 78 38.03 -29.29 -2.34
N ALA A 79 38.50 -29.39 -3.59
CA ALA A 79 38.73 -28.20 -4.42
C ALA A 79 37.43 -27.45 -4.70
N VAL A 80 36.41 -28.16 -5.16
CA VAL A 80 35.15 -27.56 -5.53
C VAL A 80 34.44 -26.97 -4.31
N ALA A 81 34.51 -27.64 -3.17
CA ALA A 81 33.97 -27.08 -1.93
C ALA A 81 34.67 -25.76 -1.58
N GLY A 82 35.97 -25.72 -1.79
CA GLY A 82 36.73 -24.47 -1.64
C GLY A 82 36.23 -23.36 -2.55
N GLU A 83 35.91 -23.71 -3.80
CA GLU A 83 35.31 -22.77 -4.76
C GLU A 83 33.97 -22.23 -4.27
N PHE A 84 33.16 -23.08 -3.65
CA PHE A 84 31.89 -22.66 -3.05
C PHE A 84 32.10 -21.71 -1.89
N LYS A 85 33.06 -22.02 -1.02
CA LYS A 85 33.35 -21.17 0.14
C LYS A 85 33.80 -19.79 -0.32
N LYS A 86 34.74 -19.77 -1.25
CA LYS A 86 35.25 -18.54 -1.81
C LYS A 86 34.13 -17.72 -2.42
N CYS A 87 33.22 -18.39 -3.13
CA CYS A 87 32.07 -17.73 -3.74
C CYS A 87 31.17 -17.06 -2.69
N PHE A 88 30.88 -17.77 -1.60
CA PHE A 88 30.00 -17.25 -0.56
C PHE A 88 30.68 -16.18 0.32
N GLU A 89 32.00 -16.22 0.42
CA GLU A 89 32.73 -15.12 1.04
C GLU A 89 32.64 -13.88 0.18
N GLN A 90 32.93 -14.04 -1.11
CA GLN A 90 32.85 -12.96 -2.07
C GLN A 90 31.48 -12.29 -2.05
N MET A 91 30.45 -13.11 -1.93
CA MET A 91 29.07 -12.62 -1.93
C MET A 91 28.62 -11.98 -0.62
N ASP A 92 29.48 -12.01 0.41
CA ASP A 92 29.26 -11.23 1.63
C ASP A 92 28.00 -11.70 2.36
N TYR A 93 27.89 -13.01 2.51
CA TYR A 93 26.81 -13.59 3.29
C TYR A 93 27.19 -13.55 4.76
N SER A 94 26.26 -13.94 5.61
CA SER A 94 26.55 -14.09 7.03
C SER A 94 26.01 -15.43 7.51
N ILE A 95 26.48 -16.48 6.85
CA ILE A 95 26.12 -17.86 7.16
C ILE A 95 26.97 -18.29 8.33
N ASP A 96 26.35 -18.92 9.31
CA ASP A 96 27.06 -19.30 10.53
C ASP A 96 27.96 -20.51 10.35
N TYR A 97 27.59 -21.46 9.50
CA TYR A 97 28.43 -22.64 9.26
C TYR A 97 28.28 -23.22 7.83
N PHE A 98 29.40 -23.71 7.28
CA PHE A 98 29.45 -24.33 5.97
C PHE A 98 29.74 -25.82 6.16
N ILE A 99 28.75 -26.65 5.88
CA ILE A 99 28.87 -28.09 6.12
C ILE A 99 29.23 -28.87 4.84
N ARG A 100 30.08 -29.88 5.01
CA ARG A 100 30.49 -30.78 3.94
C ARG A 100 30.15 -32.19 4.37
N THR A 101 29.50 -32.96 3.48
CA THR A 101 29.05 -34.30 3.83
C THR A 101 30.22 -35.30 3.98
N THR A 102 31.40 -34.95 3.48
CA THR A 102 32.62 -35.73 3.72
C THR A 102 33.10 -35.62 5.17
N ASN A 103 32.60 -34.61 5.90
CA ASN A 103 32.93 -34.41 7.31
C ASN A 103 32.63 -35.65 8.16
N GLU A 104 33.59 -36.02 8.99
CA GLU A 104 33.53 -37.24 9.80
C GLU A 104 32.38 -37.19 10.82
N GLN A 105 32.07 -36.00 11.36
CA GLN A 105 30.98 -35.87 12.34
C GLN A 105 29.63 -36.05 11.66
N HIS A 106 29.49 -35.52 10.46
CA HIS A 106 28.28 -35.77 9.66
C HIS A 106 28.06 -37.25 9.35
N LYS A 107 29.13 -37.95 8.99
CA LYS A 107 29.04 -39.39 8.71
C LYS A 107 28.54 -40.15 9.94
N ALA A 108 29.02 -39.78 11.11
CA ALA A 108 28.57 -40.40 12.37
C ALA A 108 27.07 -40.20 12.57
N VAL A 109 26.60 -39.01 12.23
CA VAL A 109 25.20 -38.67 12.41
C VAL A 109 24.34 -39.48 11.44
N VAL A 110 24.80 -39.59 10.20
CA VAL A 110 24.14 -40.43 9.22
C VAL A 110 24.00 -41.87 9.74
N LYS A 111 25.09 -42.40 10.29
CA LYS A 111 25.07 -43.76 10.85
C LYS A 111 24.07 -43.92 12.00
N GLU A 112 24.02 -42.94 12.91
CA GLU A 112 23.03 -42.92 14.00
C GLU A 112 21.60 -42.96 13.46
N LEU A 113 21.31 -42.08 12.51
CA LEU A 113 19.97 -41.97 11.97
C LEU A 113 19.59 -43.26 11.25
N TRP A 114 20.49 -43.76 10.41
CA TRP A 114 20.26 -45.03 9.73
C TRP A 114 19.90 -46.11 10.75
N THR A 115 20.74 -46.26 11.78
CA THR A 115 20.57 -47.28 12.81
C THR A 115 19.24 -47.12 13.54
N LYS A 116 18.83 -45.87 13.76
CA LYS A 116 17.56 -45.61 14.42
C LYS A 116 16.38 -46.09 13.57
N LEU A 117 16.40 -45.73 12.30
CA LEU A 117 15.38 -46.21 11.36
C LEU A 117 15.31 -47.73 11.32
N GLU A 118 16.47 -48.38 11.26
CA GLU A 118 16.55 -49.84 11.19
C GLU A 118 15.93 -50.47 12.43
N GLN A 119 16.29 -49.95 13.61
CA GLN A 119 15.77 -50.45 14.88
C GLN A 119 14.27 -50.22 15.03
N LYS A 120 13.79 -49.13 14.46
CA LYS A 120 12.37 -48.83 14.46
C LYS A 120 11.58 -49.74 13.51
N GLY A 121 12.27 -50.62 12.77
CA GLY A 121 11.64 -51.56 11.83
C GLY A 121 11.31 -50.96 10.47
N ASP A 122 11.86 -49.78 10.17
CA ASP A 122 11.46 -49.03 8.98
C ASP A 122 12.42 -49.20 7.80
N ILE A 123 13.53 -49.92 8.01
CA ILE A 123 14.41 -50.36 6.90
C ILE A 123 14.50 -51.92 6.72
N TYR A 124 14.18 -52.40 5.52
CA TYR A 124 14.26 -53.83 5.15
C TYR A 124 15.09 -54.05 3.87
N LEU A 125 15.62 -55.26 3.70
CA LEU A 125 16.36 -55.59 2.49
C LEU A 125 15.38 -56.00 1.42
N GLY A 126 15.46 -55.34 0.28
CA GLY A 126 14.56 -55.57 -0.86
C GLY A 126 15.25 -55.32 -2.20
N ARG A 127 14.50 -54.82 -3.16
CA ARG A 127 15.01 -54.61 -4.52
C ARG A 127 14.41 -53.34 -5.08
N TYR A 128 15.25 -52.50 -5.68
CA TYR A 128 14.74 -51.48 -6.60
C TYR A 128 14.97 -51.94 -8.05
N GLU A 129 13.88 -51.99 -8.80
CA GLU A 129 13.94 -52.22 -10.23
C GLU A 129 13.15 -51.11 -10.91
N GLY A 130 13.84 -50.16 -11.52
CA GLY A 130 13.19 -49.03 -12.16
C GLY A 130 14.12 -47.96 -12.68
N TRP A 131 13.57 -46.83 -13.08
CA TRP A 131 14.38 -45.76 -13.63
C TRP A 131 15.09 -44.93 -12.57
N TYR A 132 16.23 -44.36 -12.94
CA TYR A 132 17.02 -43.50 -12.09
C TYR A 132 17.68 -42.39 -12.89
N SER A 133 17.56 -41.16 -12.41
CA SER A 133 18.30 -40.04 -12.94
C SER A 133 19.52 -39.83 -12.07
N ILE A 134 20.69 -40.21 -12.58
CA ILE A 134 21.94 -40.01 -11.85
C ILE A 134 22.20 -38.52 -11.56
N SER A 135 21.94 -37.69 -12.55
CA SER A 135 22.13 -36.24 -12.40
C SER A 135 21.25 -35.62 -11.29
N ASP A 136 20.05 -36.15 -11.08
CA ASP A 136 19.17 -35.70 -10.00
C ASP A 136 19.24 -36.59 -8.76
N GLU A 137 19.96 -37.71 -8.87
CA GLU A 137 20.01 -38.73 -7.82
C GLU A 137 18.60 -39.13 -7.39
N SER A 138 17.73 -39.24 -8.38
CA SER A 138 16.31 -39.46 -8.15
C SER A 138 15.77 -40.72 -8.80
N PHE A 139 15.00 -41.49 -8.04
CA PHE A 139 14.24 -42.61 -8.57
C PHE A 139 12.99 -42.06 -9.24
N LEU A 140 12.63 -42.65 -10.38
CA LEU A 140 11.51 -42.18 -11.15
C LEU A 140 10.65 -43.35 -11.58
N THR A 141 9.33 -43.15 -11.61
CA THR A 141 8.40 -44.17 -12.10
C THR A 141 8.27 -44.01 -13.62
N PRO A 142 7.72 -45.01 -14.31
CA PRO A 142 7.58 -44.91 -15.77
C PRO A 142 6.83 -43.67 -16.28
N GLN A 143 5.95 -43.11 -15.46
CA GLN A 143 5.16 -41.91 -15.82
C GLN A 143 6.01 -40.63 -15.83
N ASN A 144 7.15 -40.66 -15.15
CA ASN A 144 8.07 -39.51 -15.12
C ASN A 144 9.21 -39.54 -16.12
N ILE A 145 9.09 -40.38 -17.16
CA ILE A 145 10.15 -40.46 -18.17
C ILE A 145 9.55 -40.31 -19.56
N THR A 146 10.41 -39.98 -20.51
CA THR A 146 10.02 -39.92 -21.91
C THR A 146 11.27 -39.98 -22.79
N ASP A 147 11.07 -39.89 -24.10
CA ASP A 147 12.17 -39.99 -25.07
C ASP A 147 12.92 -38.67 -25.25
N GLY A 148 14.24 -38.80 -25.47
CA GLY A 148 15.10 -37.66 -25.75
C GLY A 148 16.45 -38.07 -26.32
N VAL A 149 17.45 -37.21 -26.16
CA VAL A 149 18.80 -37.47 -26.65
C VAL A 149 19.92 -37.15 -25.64
N ASP A 150 21.09 -37.72 -25.91
CA ASP A 150 22.29 -37.61 -25.06
C ASP A 150 23.42 -36.90 -25.83
N LYS A 151 24.59 -36.77 -25.19
CA LYS A 151 25.77 -36.18 -25.83
C LYS A 151 26.02 -36.78 -27.22
N ASP A 152 25.89 -38.10 -27.33
CA ASP A 152 25.99 -38.80 -28.64
C ASP A 152 24.89 -38.41 -29.64
N GLY A 153 23.74 -37.98 -29.13
CA GLY A 153 22.58 -37.69 -29.96
C GLY A 153 21.78 -38.94 -30.25
N ASN A 154 22.01 -40.01 -29.48
CA ASN A 154 21.28 -41.26 -29.65
C ASN A 154 19.92 -41.17 -28.96
N PRO A 155 18.94 -41.94 -29.44
CA PRO A 155 17.67 -42.02 -28.74
C PRO A 155 17.86 -42.66 -27.38
N CYS A 156 17.53 -41.93 -26.33
CA CYS A 156 17.61 -42.44 -24.97
C CYS A 156 16.35 -42.05 -24.22
N LYS A 157 16.32 -42.38 -22.92
CA LYS A 157 15.20 -41.94 -22.07
C LYS A 157 15.66 -40.82 -21.16
N VAL A 158 14.79 -39.84 -20.96
CA VAL A 158 15.10 -38.67 -20.13
C VAL A 158 13.99 -38.40 -19.13
N SER A 159 14.34 -37.72 -18.04
CA SER A 159 13.38 -37.34 -17.00
C SER A 159 12.39 -36.29 -17.48
N LEU A 160 11.12 -36.44 -17.10
CA LEU A 160 10.11 -35.39 -17.32
C LEU A 160 10.31 -34.22 -16.35
N GLU A 161 10.86 -34.50 -15.17
CA GLU A 161 11.17 -33.46 -14.17
C GLU A 161 12.20 -32.50 -14.76
N SER A 162 13.36 -33.05 -15.11
CA SER A 162 14.56 -32.26 -15.39
C SER A 162 15.13 -32.35 -16.81
N GLY A 163 14.77 -33.39 -17.55
CA GLY A 163 15.33 -33.60 -18.89
C GLY A 163 16.67 -34.31 -18.92
N HIS A 164 17.17 -34.72 -17.76
CA HIS A 164 18.43 -35.46 -17.68
C HIS A 164 18.23 -36.93 -18.01
N VAL A 165 19.29 -37.56 -18.48
CA VAL A 165 19.24 -38.93 -18.95
C VAL A 165 18.96 -39.90 -17.81
N VAL A 166 18.03 -40.84 -18.06
CA VAL A 166 17.68 -41.85 -17.04
C VAL A 166 18.19 -43.23 -17.44
N THR A 167 18.56 -44.02 -16.42
CA THR A 167 19.06 -45.36 -16.61
C THR A 167 18.22 -46.34 -15.79
N TRP A 168 18.06 -47.55 -16.31
CA TRP A 168 17.34 -48.59 -15.58
C TRP A 168 18.26 -49.24 -14.55
N VAL A 169 17.81 -49.29 -13.32
CA VAL A 169 18.56 -49.90 -12.24
C VAL A 169 17.83 -51.14 -11.76
N SER A 170 18.59 -52.21 -11.53
CA SER A 170 18.07 -53.42 -10.91
C SER A 170 19.09 -53.89 -9.89
N GLU A 171 18.83 -53.56 -8.63
CA GLU A 171 19.74 -53.83 -7.52
C GLU A 171 18.96 -54.27 -6.29
N GLU A 172 19.51 -55.25 -5.59
CA GLU A 172 19.10 -55.56 -4.23
C GLU A 172 19.54 -54.38 -3.36
N ASN A 173 18.59 -53.76 -2.67
CA ASN A 173 18.79 -52.49 -1.95
C ASN A 173 18.08 -52.52 -0.57
N TYR A 174 18.66 -51.85 0.41
CA TYR A 174 17.92 -51.55 1.63
C TYR A 174 16.82 -50.60 1.26
N MET A 175 15.61 -50.88 1.72
CA MET A 175 14.44 -50.10 1.38
C MET A 175 13.87 -49.48 2.63
N PHE A 176 13.49 -48.21 2.54
CA PHE A 176 12.83 -47.50 3.64
C PHE A 176 11.33 -47.58 3.42
N ARG A 177 10.59 -47.87 4.48
CA ARG A 177 9.15 -48.09 4.38
C ARG A 177 8.36 -46.79 4.27
N LEU A 178 8.60 -46.07 3.19
CA LEU A 178 7.96 -44.79 2.95
C LEU A 178 6.45 -44.91 2.84
N SER A 179 5.99 -46.02 2.24
CA SER A 179 4.55 -46.23 2.06
C SER A 179 3.79 -46.19 3.39
N ALA A 180 4.45 -46.61 4.46
CA ALA A 180 3.82 -46.67 5.77
C ALA A 180 3.55 -45.29 6.37
N PHE A 181 4.16 -44.25 5.77
CA PHE A 181 4.07 -42.90 6.33
C PHE A 181 3.08 -41.97 5.60
N ARG A 182 2.37 -42.50 4.61
CA ARG A 182 1.41 -41.70 3.84
C ARG A 182 0.36 -40.99 4.70
N GLU A 183 -0.32 -41.71 5.58
CA GLU A 183 -1.36 -41.11 6.42
C GLU A 183 -0.79 -40.00 7.32
N ARG A 184 0.34 -40.28 7.95
CA ARG A 184 0.97 -39.35 8.86
C ARG A 184 1.46 -38.10 8.14
N LEU A 185 1.99 -38.26 6.93
CA LEU A 185 2.43 -37.11 6.16
C LEU A 185 1.25 -36.23 5.79
N LEU A 186 0.12 -36.85 5.45
CA LEU A 186 -1.08 -36.11 5.11
C LEU A 186 -1.63 -35.37 6.33
N GLU A 187 -1.69 -36.05 7.47
CA GLU A 187 -2.02 -35.41 8.75
C GLU A 187 -1.14 -34.18 8.95
N TRP A 188 0.17 -34.34 8.72
CA TRP A 188 1.11 -33.25 8.95
C TRP A 188 0.83 -32.04 8.05
N TYR A 189 0.60 -32.27 6.76
CA TYR A 189 0.33 -31.19 5.83
C TYR A 189 -0.93 -30.43 6.22
N HIS A 190 -1.96 -31.16 6.63
CA HIS A 190 -3.26 -30.56 6.95
C HIS A 190 -3.32 -29.83 8.28
N ALA A 191 -2.61 -30.34 9.27
CA ALA A 191 -2.54 -29.69 10.58
C ALA A 191 -1.66 -28.45 10.53
N ASN A 192 -0.76 -28.39 9.54
CA ASN A 192 0.19 -27.31 9.42
C ASN A 192 0.16 -26.70 8.02
N PRO A 193 -0.92 -25.98 7.69
CA PRO A 193 -1.11 -25.52 6.32
C PRO A 193 -0.13 -24.44 5.84
N GLY A 194 0.75 -23.98 6.73
CA GLY A 194 1.85 -23.11 6.33
C GLY A 194 3.20 -23.79 6.24
N CYS A 195 3.24 -25.12 6.36
CA CYS A 195 4.50 -25.83 6.44
C CYS A 195 5.25 -25.90 5.10
N ILE A 196 4.55 -25.64 3.99
CA ILE A 196 5.18 -25.61 2.67
C ILE A 196 4.72 -24.36 1.93
N VAL A 197 5.69 -23.59 1.44
CA VAL A 197 5.43 -22.33 0.75
C VAL A 197 6.19 -22.33 -0.59
N PRO A 198 5.60 -21.79 -1.66
CA PRO A 198 4.26 -21.20 -1.69
C PRO A 198 3.16 -22.25 -1.75
N GLU A 199 1.94 -21.78 -1.54
CA GLU A 199 0.77 -22.62 -1.37
C GLU A 199 0.55 -23.62 -2.49
N PHE A 200 0.74 -23.21 -3.74
CA PHE A 200 0.49 -24.11 -4.87
C PHE A 200 1.48 -25.28 -4.90
N ARG A 201 2.64 -25.11 -4.27
CA ARG A 201 3.59 -26.20 -4.12
C ARG A 201 3.23 -27.12 -2.96
N ARG A 202 2.64 -26.54 -1.92
CA ARG A 202 2.02 -27.35 -0.88
C ARG A 202 0.92 -28.25 -1.49
N ARG A 203 0.04 -27.67 -2.30
CA ARG A 203 -1.01 -28.45 -2.96
C ARG A 203 -0.44 -29.58 -3.83
N GLU A 204 0.66 -29.31 -4.54
CA GLU A 204 1.33 -30.33 -5.34
C GLU A 204 1.79 -31.52 -4.51
N VAL A 205 2.45 -31.23 -3.39
CA VAL A 205 2.94 -32.27 -2.51
C VAL A 205 1.80 -33.13 -1.95
N ILE A 206 0.70 -32.50 -1.60
CA ILE A 206 -0.42 -33.22 -1.02
C ILE A 206 -1.01 -34.17 -2.05
N ARG A 207 -1.24 -33.67 -3.27
CA ARG A 207 -1.77 -34.50 -4.34
C ARG A 207 -0.93 -35.75 -4.55
N ALA A 208 0.38 -35.56 -4.69
CA ALA A 208 1.30 -36.67 -4.90
C ALA A 208 1.21 -37.72 -3.79
N VAL A 209 1.18 -37.28 -2.53
CA VAL A 209 1.10 -38.21 -1.40
C VAL A 209 -0.26 -38.91 -1.31
N GLU A 210 -1.33 -38.18 -1.59
N GLU A 210 -1.34 -38.18 -1.59
CA GLU A 210 -2.67 -38.77 -1.69
CA GLU A 210 -2.68 -38.76 -1.69
C GLU A 210 -2.70 -39.96 -2.66
C GLU A 210 -2.70 -39.96 -2.66
N LYS A 211 -2.01 -39.82 -3.78
CA LYS A 211 -2.01 -40.85 -4.84
C LYS A 211 -1.40 -42.17 -4.38
N GLY A 212 -0.45 -42.08 -3.45
CA GLY A 212 0.18 -43.26 -2.89
C GLY A 212 1.68 -43.04 -2.86
N LEU A 213 2.34 -43.73 -1.94
CA LEU A 213 3.79 -43.66 -1.82
C LEU A 213 4.38 -45.05 -1.91
N PRO A 214 5.36 -45.23 -2.80
CA PRO A 214 6.12 -46.47 -2.77
C PRO A 214 7.16 -46.42 -1.66
N ASP A 215 7.75 -47.55 -1.35
CA ASP A 215 8.91 -47.56 -0.48
C ASP A 215 10.09 -47.03 -1.27
N LEU A 216 11.16 -46.71 -0.58
CA LEU A 216 12.24 -45.92 -1.16
C LEU A 216 13.57 -46.60 -0.92
N SER A 217 14.28 -46.86 -2.00
CA SER A 217 15.65 -47.34 -1.90
C SER A 217 16.53 -46.34 -1.16
N VAL A 218 17.09 -46.78 -0.03
CA VAL A 218 17.97 -45.94 0.77
C VAL A 218 19.42 -46.43 0.79
N SER A 219 19.71 -47.48 0.02
CA SER A 219 21.08 -47.90 -0.22
C SER A 219 21.29 -48.23 -1.68
N ARG A 220 22.55 -48.33 -2.06
CA ARG A 220 22.92 -48.81 -3.38
C ARG A 220 24.15 -49.68 -3.24
N ALA A 221 24.32 -50.59 -4.19
CA ALA A 221 25.53 -51.41 -4.26
C ALA A 221 26.76 -50.50 -4.42
N ARG A 222 27.83 -50.85 -3.71
CA ARG A 222 29.02 -49.99 -3.65
C ARG A 222 29.72 -49.79 -5.00
N ALA A 223 29.73 -50.82 -5.84
CA ALA A 223 30.33 -50.69 -7.18
C ALA A 223 29.65 -49.58 -8.00
N THR A 224 28.33 -49.51 -7.89
CA THR A 224 27.53 -48.54 -8.64
C THR A 224 27.94 -47.10 -8.34
N LEU A 225 28.27 -46.82 -7.08
CA LEU A 225 28.64 -45.47 -6.65
C LEU A 225 30.15 -45.26 -6.65
N HIS A 226 30.89 -46.17 -7.26
CA HIS A 226 32.35 -46.07 -7.31
C HIS A 226 32.92 -45.93 -5.89
N ASN A 227 32.27 -46.60 -4.93
CA ASN A 227 32.66 -46.59 -3.52
C ASN A 227 32.80 -45.18 -2.93
N TRP A 228 32.01 -44.24 -3.42
CA TRP A 228 32.12 -42.85 -3.00
C TRP A 228 30.85 -42.42 -2.27
N ALA A 229 30.75 -42.87 -1.02
CA ALA A 229 29.54 -42.73 -0.23
C ALA A 229 29.80 -43.30 1.15
N ILE A 230 28.82 -43.12 2.02
CA ILE A 230 28.90 -43.60 3.41
C ILE A 230 28.44 -45.06 3.45
N PRO A 231 29.26 -45.96 4.00
CA PRO A 231 28.86 -47.37 4.12
C PRO A 231 27.67 -47.55 5.05
N VAL A 232 26.82 -48.50 4.72
CA VAL A 232 25.71 -48.87 5.57
C VAL A 232 26.26 -49.53 6.82
N PRO A 233 25.81 -49.08 8.01
CA PRO A 233 26.21 -49.70 9.29
C PRO A 233 25.92 -51.19 9.31
N GLY A 234 26.96 -52.00 9.50
CA GLY A 234 26.80 -53.45 9.51
C GLY A 234 26.72 -54.12 8.15
N ASN A 235 26.87 -53.36 7.06
CA ASN A 235 26.92 -53.96 5.73
C ASN A 235 27.79 -53.16 4.75
N PRO A 236 29.09 -53.47 4.69
CA PRO A 236 30.05 -52.78 3.82
C PRO A 236 29.80 -52.89 2.31
N ASP A 237 28.98 -53.86 1.87
CA ASP A 237 28.65 -54.00 0.45
C ASP A 237 27.68 -52.93 -0.05
N HIS A 238 27.03 -52.25 0.88
CA HIS A 238 26.03 -51.25 0.54
C HIS A 238 26.45 -49.87 1.03
N CAS A 239 26.05 -48.85 0.27
CA CAS A 239 26.28 -47.46 0.64
CB CAS A 239 26.99 -46.69 -0.47
C CAS A 239 24.97 -46.77 0.86
O CAS A 239 23.97 -47.09 0.24
SG CAS A 239 28.37 -47.56 -1.16
AS CAS A 239 29.84 -47.27 0.46
CE1 CAS A 239 30.46 -49.05 1.15
CE2 CAS A 239 31.48 -46.37 -0.23
N VAL A 240 24.99 -45.77 1.75
CA VAL A 240 23.83 -44.96 2.05
C VAL A 240 23.52 -44.04 0.86
N TYR A 241 22.26 -44.09 0.41
CA TYR A 241 21.68 -43.20 -0.60
C TYR A 241 22.13 -41.78 -0.37
N VAL A 242 22.61 -41.12 -1.44
CA VAL A 242 23.19 -39.79 -1.32
C VAL A 242 22.20 -38.77 -0.70
N TRP A 243 20.91 -38.97 -0.93
CA TRP A 243 19.88 -38.11 -0.35
C TRP A 243 19.58 -38.29 1.14
N LEU A 244 19.68 -39.52 1.66
CA LEU A 244 19.47 -39.72 3.10
C LEU A 244 20.65 -39.08 3.80
N ASP A 245 21.83 -39.37 3.26
CA ASP A 245 23.12 -38.74 3.58
C ASP A 245 22.93 -37.22 3.57
N ALA A 246 22.46 -36.71 2.42
CA ALA A 246 22.43 -35.27 2.19
C ALA A 246 21.44 -34.56 3.10
N LEU A 247 20.25 -35.12 3.28
CA LEU A 247 19.21 -34.45 4.03
C LEU A 247 19.63 -34.40 5.49
N THR A 248 20.35 -35.42 5.92
CA THR A 248 20.79 -35.51 7.29
C THR A 248 21.72 -34.34 7.68
N ASN A 249 22.27 -33.62 6.70
CA ASN A 249 23.15 -32.49 6.98
C ASN A 249 22.49 -31.47 7.92
N TYR A 250 21.18 -31.31 7.78
CA TYR A 250 20.45 -30.40 8.62
C TYR A 250 20.52 -30.85 10.07
N LEU A 251 20.38 -32.15 10.31
CA LEU A 251 20.47 -32.70 11.67
C LEU A 251 21.90 -32.52 12.19
N THR A 252 22.89 -32.85 11.36
CA THR A 252 24.29 -32.69 11.77
C THR A 252 24.61 -31.25 12.16
N GLY A 253 24.27 -30.32 11.27
CA GLY A 253 24.51 -28.90 11.51
C GLY A 253 23.93 -28.42 12.82
N SER A 254 22.72 -28.91 13.13
CA SER A 254 22.04 -28.55 14.36
C SER A 254 22.76 -29.06 15.60
N ARG A 255 23.71 -29.97 15.41
CA ARG A 255 24.47 -30.58 16.51
C ARG A 255 25.97 -30.23 16.59
N LEU A 256 26.45 -29.33 15.73
CA LEU A 256 27.86 -28.96 15.73
C LEU A 256 28.11 -27.68 16.51
N ARG A 257 28.93 -27.75 17.55
CA ARG A 257 29.49 -26.54 18.14
C ARG A 257 30.54 -26.00 17.18
N VAL A 258 30.54 -24.68 17.01
CA VAL A 258 31.37 -24.03 16.01
C VAL A 258 32.16 -22.88 16.65
N ASP A 259 33.47 -22.85 16.41
CA ASP A 259 34.34 -21.80 16.99
C ASP A 259 34.19 -20.45 16.28
N GLU A 260 34.96 -19.45 16.71
CA GLU A 260 34.88 -18.09 16.15
C GLU A 260 35.21 -18.05 14.65
N SER A 261 36.11 -18.93 14.20
CA SER A 261 36.53 -18.99 12.79
C SER A 261 35.59 -19.81 11.89
N GLY A 262 34.48 -20.31 12.43
CA GLY A 262 33.52 -21.11 11.66
C GLY A 262 33.91 -22.57 11.48
N LYS A 263 34.93 -23.02 12.21
CA LYS A 263 35.36 -24.41 12.15
C LYS A 263 34.58 -25.24 13.15
N GLU A 264 34.09 -26.40 12.72
CA GLU A 264 33.36 -27.34 13.58
C GLU A 264 34.26 -27.92 14.65
N VAL A 265 33.96 -27.66 15.92
CA VAL A 265 34.84 -28.12 17.01
C VAL A 265 34.33 -29.33 17.81
N SER A 266 33.04 -29.66 17.70
CA SER A 266 32.46 -30.71 18.53
C SER A 266 31.05 -31.09 18.07
N LEU A 267 30.75 -32.40 18.11
CA LEU A 267 29.42 -32.88 17.82
C LEU A 267 28.74 -33.26 19.13
N VAL A 268 27.59 -32.67 19.41
CA VAL A 268 26.84 -33.01 20.63
C VAL A 268 25.94 -34.21 20.39
N ASP A 269 25.71 -35.00 21.44
CA ASP A 269 24.88 -36.21 21.36
C ASP A 269 23.41 -35.88 21.13
N ASP A 270 22.93 -34.87 21.83
CA ASP A 270 21.51 -34.55 21.87
C ASP A 270 21.31 -33.18 21.21
N PHE A 271 20.58 -33.16 20.10
CA PHE A 271 20.29 -31.90 19.40
C PHE A 271 19.76 -30.79 20.32
N ASN A 272 18.94 -31.16 21.30
CA ASN A 272 18.39 -30.21 22.25
C ASN A 272 19.44 -29.37 22.96
N GLU A 273 20.65 -29.91 23.11
CA GLU A 273 21.73 -29.15 23.73
C GLU A 273 21.98 -27.80 23.02
N LEU A 274 21.81 -27.75 21.70
CA LEU A 274 22.08 -26.52 20.92
C LEU A 274 20.85 -25.71 20.50
N GLU A 275 19.66 -26.27 20.70
CA GLU A 275 18.39 -25.54 20.53
C GLU A 275 18.10 -25.10 19.08
N ARG A 276 18.66 -25.83 18.11
CA ARG A 276 18.49 -25.50 16.69
C ARG A 276 17.46 -26.38 16.02
N PHE A 277 17.61 -27.69 16.16
CA PHE A 277 16.72 -28.64 15.49
C PHE A 277 15.32 -28.55 16.10
N PRO A 278 14.27 -28.57 15.27
CA PRO A 278 14.35 -28.70 13.80
C PRO A 278 14.42 -27.35 13.11
N ALA A 279 14.62 -27.36 11.80
CA ALA A 279 14.73 -26.15 11.05
C ALA A 279 13.43 -25.36 11.15
N ASP A 280 13.56 -24.07 11.41
CA ASP A 280 12.42 -23.16 11.30
C ASP A 280 12.08 -22.90 9.82
N VAL A 281 13.09 -22.82 8.98
CA VAL A 281 12.91 -22.63 7.54
C VAL A 281 13.97 -23.40 6.79
N HIS A 282 13.54 -24.34 5.96
CA HIS A 282 14.39 -24.97 4.98
C HIS A 282 14.18 -24.25 3.64
N VAL A 283 15.18 -23.50 3.16
CA VAL A 283 15.11 -22.90 1.81
C VAL A 283 15.55 -23.93 0.78
N ILE A 284 14.74 -24.14 -0.26
CA ILE A 284 15.11 -25.04 -1.37
C ILE A 284 14.61 -24.54 -2.72
N GLY A 285 15.19 -25.08 -3.79
CA GLY A 285 14.63 -24.91 -5.10
C GLY A 285 13.48 -25.87 -5.27
N LYS A 286 12.59 -25.55 -6.20
CA LYS A 286 11.43 -26.40 -6.50
C LYS A 286 11.82 -27.79 -6.96
N ASP A 287 12.96 -27.89 -7.62
CA ASP A 287 13.44 -29.17 -8.10
C ASP A 287 13.73 -30.22 -7.02
N ILE A 288 13.85 -29.84 -5.74
CA ILE A 288 14.08 -30.84 -4.67
C ILE A 288 13.02 -30.87 -3.59
N LEU A 289 11.81 -30.44 -3.96
CA LEU A 289 10.68 -30.40 -3.04
C LEU A 289 10.31 -31.76 -2.46
N LYS A 290 10.26 -32.79 -3.30
CA LYS A 290 9.77 -34.09 -2.87
C LYS A 290 10.68 -34.70 -1.81
N PHE A 291 11.97 -34.45 -1.97
CA PHE A 291 12.96 -34.98 -1.03
C PHE A 291 12.80 -34.31 0.35
N HIS A 292 12.49 -33.02 0.34
CA HIS A 292 12.32 -32.23 1.57
C HIS A 292 10.93 -32.28 2.21
N ALA A 293 9.89 -32.45 1.41
CA ALA A 293 8.52 -32.41 1.92
C ALA A 293 7.89 -33.79 2.10
N ILE A 294 8.55 -34.82 1.58
CA ILE A 294 8.06 -36.19 1.68
C ILE A 294 9.09 -37.08 2.36
N TYR A 295 10.25 -37.28 1.74
CA TYR A 295 11.21 -38.26 2.28
C TYR A 295 11.70 -37.80 3.65
N TRP A 296 12.19 -36.56 3.69
CA TRP A 296 12.80 -36.00 4.89
C TRP A 296 11.87 -36.16 6.10
N PRO A 297 10.63 -35.65 6.01
CA PRO A 297 9.77 -35.77 7.20
C PRO A 297 9.38 -37.19 7.54
N ALA A 298 9.28 -38.07 6.55
CA ALA A 298 9.06 -39.48 6.84
C ALA A 298 10.20 -40.04 7.70
N PHE A 299 11.45 -39.72 7.34
CA PHE A 299 12.61 -40.19 8.09
C PHE A 299 12.53 -39.72 9.54
N LEU A 300 12.17 -38.45 9.71
CA LEU A 300 12.10 -37.81 11.02
C LEU A 300 10.99 -38.44 11.85
N LEU A 301 9.86 -38.72 11.19
CA LEU A 301 8.75 -39.42 11.84
C LEU A 301 9.16 -40.83 12.30
N SER A 302 9.88 -41.55 11.45
CA SER A 302 10.38 -42.89 11.80
C SER A 302 11.29 -42.80 13.01
N ALA A 303 12.17 -41.81 13.03
CA ALA A 303 13.17 -41.67 14.08
C ALA A 303 12.65 -41.01 15.38
N GLY A 304 11.41 -40.54 15.38
CA GLY A 304 10.87 -39.80 16.52
C GLY A 304 11.47 -38.42 16.67
N LEU A 305 11.96 -37.83 15.58
CA LEU A 305 12.56 -36.50 15.62
C LEU A 305 11.52 -35.45 15.20
N PRO A 306 11.65 -34.22 15.71
CA PRO A 306 10.68 -33.18 15.34
C PRO A 306 10.80 -32.76 13.87
N LEU A 307 9.67 -32.31 13.31
CA LEU A 307 9.60 -31.92 11.91
C LEU A 307 9.91 -30.44 11.74
N PRO A 308 10.40 -30.05 10.56
CA PRO A 308 10.66 -28.63 10.30
C PRO A 308 9.37 -27.83 10.26
N LYS A 309 9.46 -26.54 10.57
CA LYS A 309 8.30 -25.67 10.61
C LYS A 309 7.85 -25.28 9.21
N LYS A 310 8.81 -24.93 8.37
CA LYS A 310 8.53 -24.44 7.03
C LYS A 310 9.57 -24.91 6.04
N ILE A 311 9.09 -25.32 4.86
CA ILE A 311 9.92 -25.51 3.71
C ILE A 311 9.47 -24.45 2.71
N VAL A 312 10.40 -23.64 2.24
CA VAL A 312 10.07 -22.66 1.20
C VAL A 312 10.82 -23.05 -0.08
N ALA A 313 10.08 -23.21 -1.16
CA ALA A 313 10.63 -23.66 -2.42
C ALA A 313 10.50 -22.55 -3.44
N HIS A 314 11.63 -22.08 -3.94
CA HIS A 314 11.61 -20.97 -4.88
C HIS A 314 11.53 -21.47 -6.30
N GLY A 315 11.39 -20.52 -7.22
CA GLY A 315 10.94 -20.85 -8.56
C GLY A 315 12.09 -21.13 -9.50
N TRP A 316 13.31 -21.00 -8.99
CA TRP A 316 14.49 -21.35 -9.74
C TRP A 316 14.78 -22.83 -9.59
N TRP A 317 15.68 -23.32 -10.42
CA TRP A 317 16.27 -24.62 -10.21
C TRP A 317 17.47 -24.43 -9.30
N THR A 318 17.60 -25.31 -8.32
CA THR A 318 18.78 -25.38 -7.48
C THR A 318 19.99 -25.67 -8.37
N LYS A 319 19.77 -26.43 -9.45
CA LYS A 319 20.83 -26.84 -10.36
C LYS A 319 20.32 -26.97 -11.79
N ASN A 330 25.03 -18.52 -22.88
CA ASN A 330 24.28 -17.57 -22.08
C ASN A 330 24.66 -17.68 -20.59
N VAL A 331 25.65 -16.86 -20.19
CA VAL A 331 26.26 -16.94 -18.86
C VAL A 331 25.76 -15.81 -17.95
N PHE A 332 25.55 -16.14 -16.68
CA PHE A 332 25.20 -15.15 -15.67
C PHE A 332 26.01 -15.37 -14.38
N ASP A 333 27.10 -14.60 -14.24
CA ASP A 333 28.05 -14.73 -13.14
C ASP A 333 27.73 -13.70 -12.07
N PRO A 334 27.31 -14.15 -10.88
CA PRO A 334 26.89 -13.21 -9.84
C PRO A 334 28.01 -12.31 -9.35
N VAL A 335 29.18 -12.87 -9.12
CA VAL A 335 30.33 -12.08 -8.67
C VAL A 335 30.63 -10.97 -9.67
N GLU A 336 30.64 -11.34 -10.96
CA GLU A 336 30.95 -10.40 -12.04
C GLU A 336 29.94 -9.25 -12.06
N LYS A 337 28.65 -9.59 -12.02
CA LYS A 337 27.60 -8.58 -12.05
C LYS A 337 27.53 -7.75 -10.77
N ALA A 338 27.98 -8.33 -9.65
CA ALA A 338 28.07 -7.59 -8.38
C ALA A 338 29.22 -6.60 -8.43
N GLU A 339 30.35 -7.01 -8.99
CA GLU A 339 31.47 -6.10 -9.22
C GLU A 339 31.09 -4.94 -10.18
N GLU A 340 30.16 -5.22 -11.10
CA GLU A 340 29.70 -4.22 -12.06
C GLU A 340 28.68 -3.26 -11.48
N PHE A 341 27.64 -3.79 -10.83
CA PHE A 341 26.52 -2.97 -10.38
C PHE A 341 26.46 -2.79 -8.86
N GLY A 342 27.29 -3.50 -8.12
CA GLY A 342 27.28 -3.44 -6.65
C GLY A 342 26.66 -4.70 -6.05
N TYR A 343 27.20 -5.14 -4.91
CA TYR A 343 26.73 -6.36 -4.28
C TYR A 343 25.31 -6.24 -3.74
N ASP A 344 25.06 -5.26 -2.88
CA ASP A 344 23.72 -5.04 -2.35
C ASP A 344 22.71 -4.85 -3.47
N ALA A 345 23.10 -4.10 -4.49
CA ALA A 345 22.22 -3.79 -5.61
C ALA A 345 21.77 -5.06 -6.32
N LEU A 346 22.72 -5.96 -6.55
CA LEU A 346 22.44 -7.23 -7.21
C LEU A 346 21.56 -8.12 -6.35
N LYS A 347 21.83 -8.14 -5.04
CA LYS A 347 21.03 -8.90 -4.11
C LYS A 347 19.60 -8.39 -4.11
N TYR A 348 19.46 -7.08 -4.02
CA TYR A 348 18.14 -6.45 -4.09
C TYR A 348 17.45 -6.87 -5.39
N PHE A 349 18.16 -6.78 -6.51
CA PHE A 349 17.54 -7.13 -7.78
C PHE A 349 17.03 -8.57 -7.79
N LEU A 350 17.88 -9.51 -7.36
CA LEU A 350 17.49 -10.92 -7.38
C LEU A 350 16.27 -11.22 -6.51
N LEU A 351 16.15 -10.51 -5.39
CA LEU A 351 15.09 -10.73 -4.43
C LEU A 351 13.84 -9.94 -4.80
N ARG A 352 14.02 -8.81 -5.48
CA ARG A 352 12.90 -7.99 -5.91
C ARG A 352 12.30 -8.51 -7.21
N GLU A 353 13.15 -8.93 -8.15
CA GLU A 353 12.68 -9.27 -9.48
C GLU A 353 11.85 -10.55 -9.49
N SER A 354 12.25 -11.56 -8.70
CA SER A 354 11.65 -12.89 -8.78
C SER A 354 10.67 -13.26 -7.66
N GLY A 355 9.50 -13.74 -8.06
CA GLY A 355 8.55 -14.32 -7.13
C GLY A 355 8.84 -15.79 -7.03
N PHE A 356 7.85 -16.53 -6.56
CA PHE A 356 7.87 -17.98 -6.65
C PHE A 356 7.55 -18.44 -8.08
N SER A 357 8.34 -17.92 -9.03
CA SER A 357 8.34 -18.32 -10.42
C SER A 357 9.76 -18.26 -11.05
N ASP A 358 9.99 -19.08 -12.07
CA ASP A 358 11.16 -18.90 -12.95
C ASP A 358 10.71 -17.99 -14.09
N ASP A 359 10.43 -16.75 -13.69
CA ASP A 359 9.94 -15.71 -14.55
C ASP A 359 10.69 -14.48 -14.10
N GLY A 360 10.31 -13.32 -14.59
CA GLY A 360 11.04 -12.11 -14.28
C GLY A 360 12.18 -11.88 -15.26
N ASP A 361 12.48 -10.61 -15.49
CA ASP A 361 13.45 -10.20 -16.47
C ASP A 361 14.74 -9.93 -15.71
N TYR A 362 15.76 -10.76 -15.93
CA TYR A 362 17.09 -10.62 -15.29
C TYR A 362 18.15 -9.97 -16.19
N SER A 363 17.72 -9.25 -17.21
CA SER A 363 18.63 -8.58 -18.13
C SER A 363 19.35 -7.39 -17.49
N ASP A 364 20.45 -6.96 -18.10
CA ASP A 364 21.15 -5.74 -17.66
C ASP A 364 20.21 -4.53 -17.73
N LYS A 365 19.36 -4.50 -18.75
CA LYS A 365 18.36 -3.43 -18.92
C LYS A 365 17.49 -3.28 -17.68
N ASN A 366 16.83 -4.36 -17.28
CA ASN A 366 15.96 -4.30 -16.12
C ASN A 366 16.72 -4.07 -14.80
N MET A 367 17.92 -4.63 -14.69
N MET A 367 17.92 -4.63 -14.69
CA MET A 367 18.79 -4.44 -13.53
CA MET A 367 18.78 -4.44 -13.51
C MET A 367 19.09 -2.95 -13.33
C MET A 367 19.09 -2.95 -13.33
N ILE A 368 19.49 -2.30 -14.42
CA ILE A 368 19.74 -0.86 -14.42
C ILE A 368 18.43 -0.10 -14.12
N ALA A 369 17.33 -0.52 -14.72
CA ALA A 369 16.02 0.07 -14.45
C ALA A 369 15.66 0.05 -12.96
N ARG A 370 15.88 -1.08 -12.29
CA ARG A 370 15.59 -1.17 -10.86
C ARG A 370 16.63 -0.43 -10.04
N LEU A 371 17.90 -0.50 -10.43
CA LEU A 371 18.95 0.26 -9.77
C LEU A 371 18.63 1.76 -9.80
N ASN A 372 18.39 2.28 -11.01
CA ASN A 372 18.14 3.70 -11.21
C ASN A 372 16.85 4.17 -10.56
N GLY A 373 15.77 3.44 -10.77
CA GLY A 373 14.44 3.87 -10.35
C GLY A 373 14.16 3.65 -8.88
N GLU A 374 14.48 2.47 -8.37
CA GLU A 374 14.16 2.12 -6.99
C GLU A 374 15.29 2.50 -6.05
N LEU A 375 16.51 2.03 -6.31
CA LEU A 375 17.61 2.24 -5.38
C LEU A 375 18.13 3.67 -5.41
N ALA A 376 18.36 4.20 -6.60
CA ALA A 376 18.89 5.56 -6.73
C ALA A 376 17.81 6.64 -6.57
N ASP A 377 16.79 6.58 -7.43
CA ASP A 377 15.77 7.64 -7.48
C ASP A 377 14.82 7.64 -6.29
N THR A 378 14.50 6.47 -5.73
CA THR A 378 13.53 6.43 -4.65
C THR A 378 14.24 6.47 -3.32
N LEU A 379 15.09 5.47 -3.04
CA LEU A 379 15.77 5.39 -1.75
C LEU A 379 16.95 6.40 -1.63
N GLY A 380 17.86 6.36 -2.58
CA GLY A 380 19.07 7.18 -2.51
C GLY A 380 18.77 8.65 -2.52
N ASN A 381 17.90 9.07 -3.43
CA ASN A 381 17.41 10.45 -3.51
C ASN A 381 16.95 10.98 -2.17
N LEU A 382 16.11 10.18 -1.53
CA LEU A 382 15.47 10.54 -0.29
C LEU A 382 16.47 10.66 0.85
N VAL A 383 17.47 9.79 0.84
CA VAL A 383 18.53 9.81 1.84
C VAL A 383 19.33 11.10 1.74
N MET A 384 19.68 11.48 0.52
CA MET A 384 20.44 12.72 0.29
C MET A 384 19.58 13.95 0.65
N ARG A 385 18.32 13.95 0.26
CA ARG A 385 17.41 15.08 0.53
C ARG A 385 17.37 15.44 2.00
N CYS A 386 17.15 14.44 2.85
CA CYS A 386 16.91 14.70 4.26
C CYS A 386 18.20 14.94 5.04
N THR A 387 19.34 14.60 4.45
CA THR A 387 20.66 14.85 5.05
C THR A 387 21.40 16.03 4.40
N SER A 388 20.84 16.59 3.34
CA SER A 388 21.45 17.72 2.63
C SER A 388 21.64 18.93 3.56
N ALA A 389 22.79 19.58 3.46
CA ALA A 389 23.05 20.82 4.22
C ALA A 389 22.10 21.94 3.82
N LYS A 390 21.64 21.93 2.57
CA LYS A 390 20.72 22.95 2.09
C LYS A 390 19.38 22.84 2.78
N ILE A 391 18.95 21.62 3.11
CA ILE A 391 17.64 21.39 3.73
C ILE A 391 17.77 21.21 5.25
N ASN A 392 18.64 20.29 5.65
CA ASN A 392 18.95 20.01 7.05
C ASN A 392 20.13 20.90 7.45
N VAL A 393 19.86 22.19 7.68
CA VAL A 393 20.93 23.17 7.86
C VAL A 393 21.73 22.94 9.14
N ASN A 394 21.07 22.42 10.17
CA ASN A 394 21.74 22.20 11.46
C ASN A 394 22.42 20.85 11.59
N GLY A 395 22.30 20.01 10.56
CA GLY A 395 22.97 18.71 10.54
C GLY A 395 22.54 17.82 11.70
N GLU A 396 21.23 17.73 11.93
CA GLU A 396 20.72 16.96 13.06
C GLU A 396 19.26 16.57 12.90
N TRP A 397 18.80 15.66 13.76
CA TRP A 397 17.39 15.33 13.84
C TRP A 397 16.66 16.45 14.58
N PRO A 398 15.75 17.17 13.88
CA PRO A 398 15.05 18.25 14.53
C PRO A 398 13.89 17.74 15.37
N SER A 399 13.47 18.57 16.32
CA SER A 399 12.33 18.29 17.14
C SER A 399 11.07 18.68 16.35
N PRO A 400 10.13 17.74 16.16
CA PRO A 400 8.96 18.12 15.36
C PRO A 400 8.06 19.10 16.10
N ALA A 401 7.37 19.97 15.37
CA ALA A 401 6.27 20.76 15.90
C ALA A 401 4.99 19.93 15.72
N ALA A 402 3.83 20.57 15.79
CA ALA A 402 2.55 19.88 15.70
C ALA A 402 2.32 19.26 14.32
N TYR A 403 1.65 18.11 14.30
CA TYR A 403 1.43 17.35 13.08
C TYR A 403 0.13 17.74 12.40
N THR A 404 0.17 17.88 11.07
CA THR A 404 -1.06 17.99 10.28
C THR A 404 -1.65 16.60 10.05
N GLU A 405 -2.84 16.58 9.45
CA GLU A 405 -3.45 15.34 9.04
C GLU A 405 -2.62 14.60 8.00
N GLU A 406 -2.05 15.35 7.07
CA GLU A 406 -1.17 14.77 6.05
C GLU A 406 0.08 14.18 6.69
N ASP A 407 0.65 14.88 7.67
CA ASP A 407 1.77 14.33 8.44
C ASP A 407 1.37 12.99 9.05
N GLU A 408 0.20 12.96 9.69
CA GLU A 408 -0.27 11.78 10.40
C GLU A 408 -0.51 10.60 9.45
N SER A 409 -0.94 10.88 8.21
CA SER A 409 -1.18 9.79 7.24
C SER A 409 0.13 9.09 6.92
N LEU A 410 1.19 9.86 6.75
CA LEU A 410 2.51 9.29 6.45
C LEU A 410 3.05 8.53 7.65
N ILE A 411 2.94 9.15 8.82
CA ILE A 411 3.37 8.51 10.07
C ILE A 411 2.68 7.17 10.29
N GLN A 412 1.40 7.10 9.98
CA GLN A 412 0.64 5.88 10.12
C GLN A 412 1.24 4.77 9.24
N LEU A 413 1.61 5.11 8.01
CA LEU A 413 2.21 4.14 7.10
C LEU A 413 3.54 3.64 7.64
N ILE A 414 4.34 4.56 8.19
CA ILE A 414 5.62 4.20 8.76
C ILE A 414 5.44 3.30 9.99
N LYS A 415 4.44 3.61 10.81
CA LYS A 415 4.15 2.79 12.00
C LYS A 415 3.64 1.41 11.63
N ASP A 416 2.84 1.32 10.57
CA ASP A 416 2.26 0.04 10.18
C ASP A 416 3.28 -0.86 9.49
N LEU A 417 4.29 -0.25 8.87
CA LEU A 417 5.21 -0.97 8.02
C LEU A 417 5.93 -2.15 8.68
N PRO A 418 6.43 -1.96 9.92
CA PRO A 418 7.15 -3.08 10.53
C PRO A 418 6.31 -4.34 10.67
N GLY A 419 5.07 -4.20 11.13
CA GLY A 419 4.18 -5.35 11.25
C GLY A 419 3.87 -5.99 9.92
N THR A 420 3.74 -5.17 8.89
CA THR A 420 3.45 -5.65 7.55
C THR A 420 4.66 -6.42 7.00
N ALA A 421 5.84 -5.78 7.07
CA ALA A 421 7.07 -6.39 6.59
C ALA A 421 7.43 -7.65 7.37
N ASP A 422 7.19 -7.61 8.69
CA ASP A 422 7.42 -8.78 9.51
C ASP A 422 6.64 -10.01 9.04
N HIS A 423 5.34 -9.87 8.77
CA HIS A 423 4.57 -11.00 8.30
C HIS A 423 5.15 -11.54 6.99
N TYR A 424 5.54 -10.63 6.11
CA TYR A 424 6.06 -11.04 4.81
C TYR A 424 7.35 -11.80 5.00
N TYR A 425 8.24 -11.28 5.82
CA TYR A 425 9.50 -11.96 6.10
C TYR A 425 9.27 -13.38 6.65
N LEU A 426 8.22 -13.54 7.45
CA LEU A 426 7.97 -14.82 8.12
C LEU A 426 7.26 -15.85 7.26
N ILE A 427 6.70 -15.46 6.13
CA ILE A 427 5.96 -16.39 5.29
C ILE A 427 6.79 -17.62 4.85
N PRO A 428 7.98 -17.43 4.29
CA PRO A 428 8.61 -16.14 3.98
C PRO A 428 8.37 -15.70 2.53
N ASP A 429 8.27 -14.39 2.30
CA ASP A 429 8.06 -13.84 0.96
C ASP A 429 8.79 -12.52 0.91
N ILE A 430 10.07 -12.61 0.55
CA ILE A 430 10.97 -11.49 0.62
C ILE A 430 10.65 -10.43 -0.44
N GLN A 431 10.16 -10.88 -1.59
CA GLN A 431 9.75 -9.92 -2.62
C GLN A 431 8.68 -8.98 -2.06
N LYS A 432 7.69 -9.54 -1.35
CA LYS A 432 6.60 -8.72 -0.80
C LYS A 432 7.07 -7.85 0.34
N ALA A 433 8.05 -8.30 1.11
CA ALA A 433 8.61 -7.46 2.16
C ALA A 433 9.27 -6.25 1.51
N ILE A 434 10.02 -6.48 0.44
CA ILE A 434 10.68 -5.38 -0.26
C ILE A 434 9.67 -4.40 -0.86
N ILE A 435 8.66 -4.94 -1.53
CA ILE A 435 7.64 -4.10 -2.15
C ILE A 435 6.95 -3.23 -1.10
N ALA A 436 6.67 -3.80 0.06
CA ALA A 436 5.99 -3.06 1.12
C ALA A 436 6.83 -1.90 1.60
N VAL A 437 8.13 -2.11 1.79
CA VAL A 437 9.00 -1.04 2.23
C VAL A 437 9.05 0.06 1.17
N PHE A 438 9.19 -0.32 -0.09
CA PHE A 438 9.28 0.66 -1.14
C PHE A 438 7.98 1.44 -1.38
N ASP A 439 6.85 0.85 -1.06
CA ASP A 439 5.57 1.57 -1.10
C ASP A 439 5.61 2.71 -0.09
N VAL A 440 6.23 2.48 1.05
CA VAL A 440 6.39 3.52 2.06
C VAL A 440 7.41 4.55 1.59
N LEU A 441 8.48 4.09 0.94
CA LEU A 441 9.47 5.02 0.42
C LEU A 441 8.90 5.95 -0.65
N ARG A 442 8.04 5.42 -1.50
CA ARG A 442 7.38 6.24 -2.52
C ARG A 442 6.48 7.28 -1.86
N ALA A 443 5.73 6.84 -0.86
CA ALA A 443 4.86 7.72 -0.09
C ALA A 443 5.64 8.87 0.58
N ILE A 444 6.80 8.54 1.15
CA ILE A 444 7.66 9.53 1.78
C ILE A 444 8.14 10.52 0.71
N ASN A 445 8.57 10.01 -0.43
CA ASN A 445 8.99 10.90 -1.53
C ASN A 445 7.90 11.86 -1.97
N ALA A 446 6.68 11.35 -2.08
CA ALA A 446 5.54 12.18 -2.47
C ALA A 446 5.28 13.27 -1.43
N TYR A 447 5.32 12.87 -0.16
CA TYR A 447 5.19 13.82 0.95
C TYR A 447 6.23 14.94 0.84
N VAL A 448 7.48 14.56 0.62
CA VAL A 448 8.56 15.54 0.52
C VAL A 448 8.29 16.52 -0.63
N THR A 449 7.89 16.00 -1.78
CA THR A 449 7.51 16.82 -2.94
C THR A 449 6.36 17.78 -2.61
N ASP A 450 5.31 17.27 -1.99
CA ASP A 450 4.19 18.11 -1.55
C ASP A 450 4.62 19.20 -0.57
N MET A 451 5.51 18.86 0.37
CA MET A 451 5.91 19.81 1.39
C MET A 451 7.03 20.76 0.94
N ALA A 452 7.81 20.34 -0.05
CA ALA A 452 8.89 21.17 -0.59
C ALA A 452 9.76 21.80 0.51
N PRO A 453 10.46 20.94 1.29
CA PRO A 453 11.22 21.45 2.43
C PRO A 453 12.30 22.48 2.08
N TRP A 454 12.82 22.40 0.86
CA TRP A 454 13.76 23.40 0.34
C TRP A 454 13.20 24.83 0.35
N LYS A 455 11.90 24.97 0.09
CA LYS A 455 11.23 26.28 0.16
C LYS A 455 10.99 26.71 1.61
N LEU A 456 10.78 25.73 2.48
CA LEU A 456 10.47 25.98 3.88
C LEU A 456 11.64 26.51 4.68
N VAL A 457 12.87 26.18 4.26
CA VAL A 457 14.05 26.70 4.95
C VAL A 457 13.99 28.22 5.14
N LYS A 458 13.70 28.94 4.04
CA LYS A 458 13.55 30.39 4.08
C LYS A 458 12.19 30.82 4.64
N THR A 459 11.14 30.06 4.33
CA THR A 459 9.76 30.49 4.58
C THR A 459 9.24 30.20 5.99
N ASP A 460 9.28 28.93 6.37
CA ASP A 460 8.68 28.47 7.62
C ASP A 460 9.57 27.44 8.31
N PRO A 461 10.52 27.90 9.13
CA PRO A 461 11.45 26.96 9.77
C PRO A 461 10.78 25.98 10.73
N GLU A 462 9.75 26.43 11.45
CA GLU A 462 8.99 25.58 12.37
C GLU A 462 8.38 24.40 11.61
N ARG A 463 7.74 24.69 10.48
CA ARG A 463 7.14 23.65 9.65
C ARG A 463 8.19 22.65 9.12
N LEU A 464 9.34 23.17 8.69
CA LEU A 464 10.43 22.32 8.24
C LEU A 464 10.88 21.29 9.28
N ARG A 465 10.96 21.70 10.55
CA ARG A 465 11.34 20.79 11.63
C ARG A 465 10.47 19.53 11.59
N THR A 466 9.17 19.73 11.52
CA THR A 466 8.20 18.66 11.50
C THR A 466 8.38 17.77 10.27
N VAL A 467 8.52 18.41 9.12
CA VAL A 467 8.65 17.70 7.84
C VAL A 467 9.95 16.91 7.77
N LEU A 468 11.03 17.56 8.19
CA LEU A 468 12.34 16.95 8.18
C LEU A 468 12.38 15.76 9.13
N TYR A 469 11.84 15.93 10.33
CA TYR A 469 11.86 14.87 11.33
C TYR A 469 11.13 13.63 10.84
N ILE A 470 9.95 13.81 10.25
CA ILE A 470 9.17 12.69 9.74
C ILE A 470 9.91 11.98 8.61
N THR A 471 10.52 12.76 7.74
CA THR A 471 11.26 12.23 6.60
C THR A 471 12.41 11.37 7.10
N LEU A 472 13.19 11.91 8.02
CA LEU A 472 14.33 11.20 8.61
C LEU A 472 13.88 9.89 9.23
N GLU A 473 12.82 9.95 10.00
CA GLU A 473 12.34 8.78 10.71
C GLU A 473 11.83 7.74 9.72
N GLY A 474 11.16 8.19 8.66
CA GLY A 474 10.71 7.30 7.60
C GLY A 474 11.87 6.58 6.95
N VAL A 475 12.94 7.31 6.67
CA VAL A 475 14.12 6.70 6.07
C VAL A 475 14.76 5.69 7.02
N ARG A 476 14.85 6.03 8.31
CA ARG A 476 15.44 5.14 9.28
C ARG A 476 14.70 3.80 9.32
N VAL A 477 13.39 3.87 9.46
CA VAL A 477 12.58 2.69 9.62
C VAL A 477 12.54 1.82 8.36
N THR A 478 12.41 2.45 7.19
CA THR A 478 12.43 1.71 5.94
C THR A 478 13.79 1.02 5.79
N THR A 479 14.86 1.75 6.09
CA THR A 479 16.22 1.24 5.95
C THR A 479 16.49 0.08 6.90
N LEU A 480 16.03 0.20 8.13
CA LEU A 480 16.12 -0.89 9.09
C LEU A 480 15.48 -2.18 8.56
N LEU A 481 14.27 -2.05 8.03
CA LEU A 481 13.59 -3.21 7.45
C LEU A 481 14.21 -3.70 6.15
N LEU A 482 14.95 -2.82 5.46
CA LEU A 482 15.74 -3.22 4.30
C LEU A 482 17.16 -3.70 4.63
N SER A 483 17.58 -3.64 5.89
CA SER A 483 18.95 -4.00 6.23
C SER A 483 19.34 -5.45 5.92
N PRO A 484 18.40 -6.41 6.03
CA PRO A 484 18.72 -7.77 5.57
C PRO A 484 18.96 -7.87 4.05
N ILE A 485 18.32 -6.99 3.27
CA ILE A 485 18.44 -6.99 1.82
C ILE A 485 19.69 -6.22 1.39
N LEU A 486 19.95 -5.10 2.05
CA LEU A 486 21.03 -4.20 1.70
C LEU A 486 21.92 -4.02 2.93
N PRO A 487 22.65 -5.08 3.30
CA PRO A 487 23.37 -5.08 4.57
C PRO A 487 24.44 -4.00 4.68
N ARG A 488 25.20 -3.79 3.60
CA ARG A 488 26.26 -2.78 3.60
C ARG A 488 25.72 -1.35 3.44
N LYS A 489 24.81 -1.16 2.48
CA LYS A 489 24.28 0.17 2.23
C LYS A 489 23.45 0.67 3.40
N SER A 490 22.82 -0.26 4.13
CA SER A 490 22.04 0.13 5.33
C SER A 490 22.96 0.77 6.36
N VAL A 491 24.17 0.25 6.48
CA VAL A 491 25.16 0.84 7.40
C VAL A 491 25.55 2.24 6.93
N VAL A 492 25.79 2.40 5.63
CA VAL A 492 26.12 3.71 5.08
C VAL A 492 24.99 4.71 5.37
N ILE A 493 23.75 4.27 5.16
CA ILE A 493 22.59 5.12 5.40
C ILE A 493 22.49 5.51 6.87
N PHE A 494 22.63 4.53 7.76
CA PHE A 494 22.59 4.83 9.18
C PHE A 494 23.72 5.79 9.60
N ASP A 495 24.91 5.60 9.04
CA ASP A 495 26.04 6.50 9.31
C ASP A 495 25.71 7.94 8.91
N MET A 496 25.11 8.11 7.73
CA MET A 496 24.72 9.43 7.23
C MET A 496 23.69 10.07 8.15
N LEU A 497 22.72 9.27 8.57
CA LEU A 497 21.67 9.74 9.47
C LEU A 497 22.16 9.95 10.91
N GLY A 498 23.37 9.48 11.22
CA GLY A 498 23.89 9.51 12.58
C GLY A 498 23.15 8.61 13.56
N VAL A 499 22.52 7.55 13.07
CA VAL A 499 21.80 6.60 13.95
C VAL A 499 22.78 5.80 14.78
N PRO A 500 22.71 5.93 16.11
CA PRO A 500 23.60 5.14 16.96
C PRO A 500 23.43 3.64 16.75
N GLU A 501 24.53 2.91 16.95
CA GLU A 501 24.57 1.46 16.75
C GLU A 501 23.39 0.76 17.37
N VAL A 502 23.13 1.07 18.65
CA VAL A 502 22.10 0.43 19.44
C VAL A 502 20.73 0.51 18.77
N HIS A 503 20.52 1.56 17.97
CA HIS A 503 19.24 1.74 17.28
C HIS A 503 19.18 1.07 15.92
N ARG A 504 20.23 0.35 15.54
CA ARG A 504 20.26 -0.33 14.23
C ARG A 504 19.73 -1.77 14.24
N LYS A 505 19.38 -2.30 15.40
CA LYS A 505 18.73 -3.61 15.49
C LYS A 505 17.77 -3.62 16.67
N GLY A 506 16.99 -4.70 16.77
CA GLY A 506 16.09 -4.89 17.91
C GLY A 506 14.69 -4.41 17.61
N ILE A 507 13.69 -5.19 18.01
CA ILE A 507 12.30 -4.87 17.70
C ILE A 507 11.87 -3.56 18.32
N GLU A 508 12.50 -3.17 19.44
CA GLU A 508 12.23 -1.88 20.07
C GLU A 508 12.40 -0.76 19.06
N ASN A 509 13.35 -0.92 18.15
CA ASN A 509 13.65 0.13 17.17
C ASN A 509 12.84 0.11 15.88
N PHE A 510 11.93 -0.84 15.75
CA PHE A 510 10.91 -0.80 14.71
C PHE A 510 9.94 0.36 14.99
N GLU A 511 9.81 0.73 16.26
CA GLU A 511 8.84 1.77 16.68
C GLU A 511 9.20 3.18 16.24
N PHE A 512 8.17 3.90 15.82
CA PHE A 512 8.32 5.26 15.36
C PHE A 512 8.82 6.13 16.52
N GLY A 513 9.92 6.84 16.30
CA GLY A 513 10.43 7.81 17.25
C GLY A 513 11.58 7.33 18.14
N ALA A 514 12.27 6.28 17.71
CA ALA A 514 13.28 5.64 18.54
C ALA A 514 14.58 6.44 18.62
N VAL A 515 14.78 7.33 17.66
CA VAL A 515 15.97 8.17 17.62
C VAL A 515 15.58 9.58 18.01
N PRO A 516 16.05 10.05 19.17
CA PRO A 516 15.59 11.34 19.67
C PRO A 516 16.07 12.55 18.84
N PRO A 517 15.25 13.61 18.79
CA PRO A 517 15.73 14.86 18.23
C PRO A 517 17.01 15.34 18.94
N GLY A 518 17.90 15.98 18.17
CA GLY A 518 19.19 16.43 18.68
C GLY A 518 20.33 15.54 18.23
N THR A 519 20.01 14.30 17.85
CA THR A 519 20.98 13.38 17.27
C THR A 519 21.63 14.03 16.05
N ARG A 520 22.96 14.04 16.03
CA ARG A 520 23.71 14.69 14.96
C ARG A 520 23.87 13.74 13.81
N LEU A 521 23.82 14.27 12.60
CA LEU A 521 24.07 13.50 11.40
C LEU A 521 25.55 13.16 11.27
N GLY A 522 25.86 12.13 10.49
CA GLY A 522 27.24 11.77 10.22
C GLY A 522 27.88 12.74 9.27
N PRO A 523 29.22 12.75 9.21
CA PRO A 523 29.92 13.72 8.35
C PRO A 523 29.66 13.47 6.86
N ALA A 524 29.79 14.54 6.07
CA ALA A 524 29.59 14.48 4.62
C ALA A 524 30.91 14.25 3.91
N VAL A 525 30.86 13.51 2.79
CA VAL A 525 31.98 13.46 1.83
C VAL A 525 31.64 14.28 0.57
N GLU A 526 32.65 14.97 0.04
CA GLU A 526 32.47 16.02 -0.99
C GLU A 526 31.56 15.65 -2.17
N GLY A 527 31.78 14.47 -2.76
CA GLY A 527 31.03 14.06 -3.95
C GLY A 527 30.45 12.66 -3.86
N GLU A 528 30.21 12.19 -2.64
CA GLU A 528 29.73 10.83 -2.43
C GLU A 528 28.34 10.61 -3.02
N VAL A 529 28.05 9.36 -3.36
CA VAL A 529 26.70 8.91 -3.67
C VAL A 529 26.46 7.57 -2.98
N LEU A 530 25.19 7.22 -2.84
CA LEU A 530 24.79 5.95 -2.24
C LEU A 530 24.70 4.89 -3.32
N PHE A 531 23.94 5.19 -4.38
CA PHE A 531 23.86 4.34 -5.57
C PHE A 531 24.11 5.18 -6.81
N SER A 532 25.11 4.82 -7.60
CA SER A 532 25.40 5.54 -8.83
C SER A 532 24.50 5.05 -9.96
N LYS A 533 23.75 5.97 -10.56
CA LYS A 533 22.92 5.64 -11.71
C LYS A 533 23.80 5.30 -12.91
N ARG A 534 23.25 4.52 -13.83
CA ARG A 534 24.01 4.00 -14.95
C ARG A 534 23.30 4.21 -16.28
N SER A 535 24.09 4.34 -17.34
CA SER A 535 23.59 4.77 -18.64
C SER A 535 22.56 3.82 -19.26
N THR A 536 21.68 4.39 -20.09
CA THR A 536 20.61 3.64 -20.76
C THR A 536 20.73 3.76 -22.29
N GLY B 1 -2.82 0.65 12.73
CA GLY B 1 -3.27 1.21 14.04
C GLY B 1 -4.63 1.82 13.90
N PRO B 2 -5.20 2.33 15.00
CA PRO B 2 -6.50 2.98 14.93
C PRO B 2 -6.40 4.29 14.19
N GLY B 3 -7.51 4.73 13.63
CA GLY B 3 -7.61 6.07 13.07
C GLY B 3 -7.93 7.10 14.15
N SER B 4 -8.37 8.27 13.72
CA SER B 4 -8.74 9.32 14.65
C SER B 4 -10.10 8.97 15.23
N MET B 5 -10.34 9.40 16.46
CA MET B 5 -11.62 9.14 17.12
C MET B 5 -12.68 10.05 16.52
N LYS B 6 -13.93 9.84 16.87
CA LYS B 6 -15.01 10.70 16.38
C LYS B 6 -14.84 12.15 16.86
N VAL B 7 -15.34 13.09 16.09
CA VAL B 7 -15.50 14.44 16.59
C VAL B 7 -16.72 14.43 17.50
N GLU B 8 -16.66 15.24 18.55
CA GLU B 8 -17.76 15.44 19.49
C GLU B 8 -18.85 16.34 18.89
N LYS B 9 -18.43 17.39 18.20
CA LYS B 9 -19.37 18.28 17.55
C LYS B 9 -20.03 17.64 16.32
N VAL B 10 -20.94 18.38 15.70
CA VAL B 10 -21.53 17.97 14.44
C VAL B 10 -20.53 18.30 13.34
N PHE B 11 -20.10 17.27 12.61
CA PHE B 11 -19.17 17.49 11.52
C PHE B 11 -19.88 18.30 10.45
N PHE B 12 -19.29 19.46 10.13
CA PHE B 12 -19.90 20.45 9.26
C PHE B 12 -19.07 20.58 8.00
N VAL B 13 -19.68 20.19 6.88
CA VAL B 13 -19.00 20.18 5.60
C VAL B 13 -19.88 20.91 4.59
N THR B 14 -19.24 21.75 3.78
CA THR B 14 -19.95 22.62 2.86
C THR B 14 -19.41 22.52 1.44
N SER B 15 -20.27 22.89 0.49
CA SER B 15 -19.86 23.15 -0.87
C SER B 15 -19.95 24.65 -1.08
N PRO B 16 -19.41 25.15 -2.20
CA PRO B 16 -19.70 26.53 -2.48
C PRO B 16 -21.19 26.62 -2.81
N ILE B 17 -21.75 27.82 -2.69
CA ILE B 17 -23.10 28.07 -3.19
C ILE B 17 -22.95 28.66 -4.58
N TYR B 18 -23.74 28.16 -5.53
CA TYR B 18 -23.49 28.37 -6.95
C TYR B 18 -24.35 29.50 -7.55
N TYR B 19 -23.75 30.29 -8.43
CA TYR B 19 -24.44 31.44 -9.04
C TYR B 19 -25.48 30.92 -10.02
N VAL B 20 -26.70 31.47 -9.94
CA VAL B 20 -27.85 30.95 -10.70
C VAL B 20 -28.05 31.64 -12.06
N ASN B 21 -26.98 32.22 -12.60
CA ASN B 21 -26.95 32.78 -13.95
C ASN B 21 -26.49 31.73 -14.98
N ALA B 22 -26.34 30.49 -14.55
CA ALA B 22 -26.03 29.35 -15.43
C ALA B 22 -26.80 28.12 -14.89
N ALA B 23 -27.19 27.20 -15.78
CA ALA B 23 -27.79 25.94 -15.35
C ALA B 23 -26.70 25.13 -14.68
N PRO B 24 -27.09 24.15 -13.84
CA PRO B 24 -26.06 23.29 -13.26
C PRO B 24 -25.25 22.48 -14.31
N HIS B 25 -23.95 22.32 -14.06
CA HIS B 25 -23.02 21.59 -14.95
C HIS B 25 -22.00 20.79 -14.11
N ILE B 26 -21.09 20.08 -14.79
CA ILE B 26 -20.13 19.18 -14.13
C ILE B 26 -19.35 19.83 -12.97
N GLY B 27 -18.89 21.05 -13.16
CA GLY B 27 -18.26 21.82 -12.09
C GLY B 27 -18.99 21.83 -10.75
N HIS B 28 -20.27 22.17 -10.74
CA HIS B 28 -21.06 22.19 -9.50
C HIS B 28 -21.29 20.78 -8.95
N VAL B 29 -21.49 19.83 -9.86
CA VAL B 29 -21.73 18.44 -9.49
C VAL B 29 -20.51 17.86 -8.81
N TYR B 30 -19.33 18.18 -9.33
CA TYR B 30 -18.06 17.72 -8.77
C TYR B 30 -17.83 18.30 -7.39
N SER B 31 -17.96 19.62 -7.27
CA SER B 31 -17.79 20.27 -5.96
C SER B 31 -18.70 19.63 -4.92
N THR B 32 -19.97 19.48 -5.28
CA THR B 32 -20.96 18.97 -4.35
C THR B 32 -20.78 17.47 -4.11
N LEU B 33 -20.24 16.74 -5.08
CA LEU B 33 -19.89 15.33 -4.87
C LEU B 33 -18.86 15.16 -3.77
N ILE B 34 -17.82 15.99 -3.81
CA ILE B 34 -16.75 15.95 -2.83
C ILE B 34 -17.33 16.22 -1.45
N THR B 35 -18.16 17.26 -1.36
CA THR B 35 -18.84 17.59 -0.12
C THR B 35 -19.63 16.37 0.37
N ASP B 36 -20.37 15.76 -0.53
CA ASP B 36 -21.23 14.65 -0.22
C ASP B 36 -20.45 13.44 0.29
N VAL B 37 -19.33 13.16 -0.37
CA VAL B 37 -18.48 12.06 0.02
C VAL B 37 -17.90 12.26 1.42
N ILE B 38 -17.41 13.45 1.70
CA ILE B 38 -16.86 13.76 3.00
C ILE B 38 -17.96 13.58 4.04
N GLY B 39 -19.13 14.11 3.76
CA GLY B 39 -20.27 13.94 4.65
C GLY B 39 -20.61 12.49 4.93
N ARG B 40 -20.67 11.71 3.86
CA ARG B 40 -21.03 10.30 3.98
C ARG B 40 -19.97 9.55 4.81
N TYR B 41 -18.68 9.82 4.55
CA TYR B 41 -17.64 9.17 5.33
C TYR B 41 -17.83 9.38 6.83
N HIS B 42 -18.11 10.61 7.22
CA HIS B 42 -18.25 10.89 8.65
C HIS B 42 -19.51 10.27 9.24
N ARG B 43 -20.56 10.18 8.45
CA ARG B 43 -21.76 9.46 8.87
C ARG B 43 -21.47 7.96 9.06
N VAL B 44 -20.66 7.40 8.18
CA VAL B 44 -20.24 6.00 8.29
C VAL B 44 -19.35 5.77 9.50
N LYS B 45 -18.57 6.79 9.85
CA LYS B 45 -17.74 6.78 11.05
C LYS B 45 -18.58 6.81 12.36
N GLY B 46 -19.85 7.17 12.24
CA GLY B 46 -20.75 7.21 13.38
C GLY B 46 -20.91 8.61 13.94
N GLU B 47 -20.41 9.61 13.23
CA GLU B 47 -20.49 10.98 13.68
C GLU B 47 -21.78 11.64 13.22
N ARG B 48 -22.20 12.66 13.96
CA ARG B 48 -23.26 13.55 13.50
C ARG B 48 -22.70 14.42 12.37
N VAL B 49 -23.50 14.60 11.32
CA VAL B 49 -23.07 15.35 10.16
C VAL B 49 -24.14 16.33 9.71
N PHE B 50 -23.67 17.47 9.23
CA PHE B 50 -24.49 18.42 8.53
C PHE B 50 -23.73 18.83 7.28
N ALA B 51 -24.23 18.41 6.12
CA ALA B 51 -23.64 18.80 4.85
C ALA B 51 -24.50 19.87 4.20
N LEU B 52 -23.85 20.89 3.66
CA LEU B 52 -24.52 22.08 3.15
C LEU B 52 -24.12 22.34 1.70
N THR B 53 -25.11 22.69 0.90
CA THR B 53 -24.87 23.20 -0.45
C THR B 53 -25.95 24.24 -0.73
N GLY B 54 -25.87 24.90 -1.89
CA GLY B 54 -26.93 25.84 -2.25
C GLY B 54 -26.60 26.81 -3.36
N THR B 55 -27.39 27.86 -3.44
CA THR B 55 -27.32 28.79 -4.54
C THR B 55 -27.09 30.22 -4.10
N ASP B 56 -26.32 30.92 -4.93
CA ASP B 56 -25.96 32.31 -4.74
C ASP B 56 -26.86 33.10 -5.70
N GLU B 57 -27.84 33.83 -5.17
CA GLU B 57 -28.96 34.33 -5.99
C GLU B 57 -29.04 35.84 -6.29
N HIS B 58 -28.27 36.65 -5.56
CA HIS B 58 -28.32 38.10 -5.76
C HIS B 58 -27.32 38.58 -6.81
N GLY B 59 -27.42 39.86 -7.16
CA GLY B 59 -26.43 40.51 -8.03
C GLY B 59 -26.84 40.93 -9.42
N GLN B 60 -25.97 41.73 -10.02
CA GLN B 60 -26.18 42.33 -11.34
C GLN B 60 -26.43 41.35 -12.48
N LYS B 61 -25.55 40.35 -12.60
CA LYS B 61 -25.62 39.40 -13.71
C LYS B 61 -26.93 38.62 -13.66
N VAL B 62 -27.31 38.14 -12.48
CA VAL B 62 -28.55 37.38 -12.33
C VAL B 62 -29.75 38.23 -12.73
N ALA B 63 -29.80 39.47 -12.24
CA ALA B 63 -30.91 40.36 -12.53
C ALA B 63 -31.04 40.67 -14.02
N GLU B 64 -29.91 40.74 -14.71
CA GLU B 64 -29.91 40.99 -16.15
C GLU B 64 -30.31 39.75 -16.94
N ALA B 65 -29.95 38.56 -16.44
CA ALA B 65 -30.43 37.30 -17.01
C ALA B 65 -31.94 37.22 -16.90
N ALA B 66 -32.46 37.52 -15.71
CA ALA B 66 -33.90 37.55 -15.47
C ALA B 66 -34.62 38.51 -16.41
N LYS B 67 -34.09 39.73 -16.51
CA LYS B 67 -34.65 40.73 -17.41
C LYS B 67 -34.61 40.25 -18.87
N GLN B 68 -33.52 39.59 -19.24
CA GLN B 68 -33.41 38.94 -20.56
C GLN B 68 -34.55 37.95 -20.80
N LYS B 69 -34.79 37.09 -19.80
CA LYS B 69 -35.89 36.10 -19.85
C LYS B 69 -37.27 36.71 -19.60
N GLN B 70 -37.36 38.02 -19.42
CA GLN B 70 -38.63 38.73 -19.15
C GLN B 70 -39.40 38.11 -17.98
N VAL B 71 -38.69 37.87 -16.88
CA VAL B 71 -39.30 37.38 -15.65
C VAL B 71 -38.68 38.12 -14.46
N SER B 72 -39.39 38.17 -13.35
CA SER B 72 -38.87 38.82 -12.15
C SER B 72 -37.66 38.04 -11.64
N PRO B 73 -36.68 38.76 -11.05
CA PRO B 73 -35.53 38.09 -10.45
C PRO B 73 -35.94 37.00 -9.47
N TYR B 74 -37.02 37.22 -8.72
CA TYR B 74 -37.49 36.27 -7.73
C TYR B 74 -37.92 34.95 -8.40
N ASP B 75 -38.70 35.04 -9.48
CA ASP B 75 -39.12 33.85 -10.24
C ASP B 75 -37.94 33.15 -10.89
N PHE B 76 -37.02 33.95 -11.44
CA PHE B 76 -35.89 33.43 -12.19
C PHE B 76 -34.95 32.63 -11.30
N THR B 77 -34.66 33.18 -10.13
CA THR B 77 -33.79 32.50 -9.18
C THR B 77 -34.47 31.26 -8.63
N THR B 78 -35.77 31.35 -8.37
CA THR B 78 -36.53 30.20 -7.84
C THR B 78 -36.48 29.02 -8.81
N ALA B 79 -36.67 29.28 -10.10
CA ALA B 79 -36.64 28.24 -11.13
C ALA B 79 -35.24 27.59 -11.23
N VAL B 80 -34.21 28.42 -11.36
CA VAL B 80 -32.84 27.91 -11.52
C VAL B 80 -32.38 27.18 -10.28
N ALA B 81 -32.78 27.67 -9.12
CA ALA B 81 -32.49 26.94 -7.88
C ALA B 81 -33.18 25.58 -7.86
N GLY B 82 -34.39 25.53 -8.38
CA GLY B 82 -35.08 24.25 -8.61
C GLY B 82 -34.30 23.31 -9.51
N GLU B 83 -33.72 23.85 -10.59
CA GLU B 83 -32.86 23.06 -11.50
C GLU B 83 -31.66 22.47 -10.77
N PHE B 84 -31.07 23.24 -9.85
CA PHE B 84 -29.95 22.77 -9.06
C PHE B 84 -30.37 21.67 -8.10
N LYS B 85 -31.53 21.84 -7.46
CA LYS B 85 -32.06 20.83 -6.54
C LYS B 85 -32.32 19.52 -7.26
N LYS B 86 -33.00 19.62 -8.41
CA LYS B 86 -33.30 18.46 -9.23
C LYS B 86 -32.02 17.75 -9.64
N CYS B 87 -31.00 18.53 -10.02
CA CYS B 87 -29.72 17.96 -10.43
C CYS B 87 -29.07 17.16 -9.31
N PHE B 88 -29.09 17.71 -8.11
CA PHE B 88 -28.49 17.03 -6.95
C PHE B 88 -29.33 15.84 -6.45
N GLU B 89 -30.64 15.87 -6.67
CA GLU B 89 -31.46 14.69 -6.40
C GLU B 89 -31.13 13.58 -7.40
N GLN B 90 -31.11 13.93 -8.67
CA GLN B 90 -30.76 12.99 -9.75
C GLN B 90 -29.40 12.33 -9.49
N MET B 91 -28.45 13.12 -9.01
CA MET B 91 -27.10 12.64 -8.69
C MET B 91 -27.01 11.81 -7.43
N ASP B 92 -28.10 11.72 -6.67
CA ASP B 92 -28.18 10.83 -5.53
C ASP B 92 -27.20 11.24 -4.42
N TYR B 93 -27.17 12.53 -4.10
CA TYR B 93 -26.40 13.02 -2.98
C TYR B 93 -27.18 12.87 -1.69
N SER B 94 -26.54 13.15 -0.56
CA SER B 94 -27.21 13.12 0.72
C SER B 94 -26.83 14.37 1.50
N ILE B 95 -27.11 15.50 0.88
CA ILE B 95 -26.88 16.80 1.45
C ILE B 95 -28.01 17.10 2.41
N ASP B 96 -27.66 17.59 3.60
CA ASP B 96 -28.66 17.79 4.64
C ASP B 96 -29.52 19.03 4.43
N TYR B 97 -28.97 20.08 3.83
CA TYR B 97 -29.74 21.28 3.57
C TYR B 97 -29.25 22.05 2.34
N PHE B 98 -30.20 22.59 1.60
CA PHE B 98 -29.95 23.35 0.40
C PHE B 98 -30.32 24.79 0.71
N ILE B 99 -29.31 25.66 0.80
CA ILE B 99 -29.53 27.05 1.17
C ILE B 99 -29.61 27.96 -0.04
N ARG B 100 -30.50 28.95 0.05
CA ARG B 100 -30.66 29.97 -0.96
C ARG B 100 -30.48 31.33 -0.31
N THR B 101 -29.67 32.19 -0.93
CA THR B 101 -29.34 33.49 -0.33
C THR B 101 -30.54 34.45 -0.32
N THR B 102 -31.58 34.13 -1.10
CA THR B 102 -32.84 34.89 -1.06
C THR B 102 -33.64 34.62 0.21
N ASN B 103 -33.28 33.53 0.89
CA ASN B 103 -33.94 33.18 2.14
C ASN B 103 -33.86 34.30 3.19
N GLU B 104 -34.98 34.57 3.84
CA GLU B 104 -35.09 35.67 4.79
C GLU B 104 -34.18 35.47 6.01
N GLN B 105 -34.03 34.22 6.45
CA GLN B 105 -33.19 33.94 7.63
C GLN B 105 -31.72 34.22 7.31
N HIS B 106 -31.30 33.85 6.12
CA HIS B 106 -29.95 34.18 5.65
C HIS B 106 -29.72 35.69 5.60
N LYS B 107 -30.69 36.44 5.10
CA LYS B 107 -30.59 37.90 5.03
C LYS B 107 -30.40 38.52 6.41
N ALA B 108 -31.13 37.99 7.40
CA ALA B 108 -31.01 38.43 8.79
C ALA B 108 -29.58 38.22 9.30
N VAL B 109 -29.01 37.08 8.94
CA VAL B 109 -27.71 36.69 9.41
C VAL B 109 -26.68 37.61 8.77
N VAL B 110 -26.83 37.87 7.46
CA VAL B 110 -25.97 38.83 6.76
C VAL B 110 -26.01 40.17 7.48
N LYS B 111 -27.19 40.62 7.84
CA LYS B 111 -27.36 41.88 8.56
C LYS B 111 -26.66 41.90 9.91
N GLU B 112 -26.81 40.82 10.67
CA GLU B 112 -26.14 40.69 11.97
C GLU B 112 -24.64 40.79 11.80
N LEU B 113 -24.11 40.03 10.86
CA LEU B 113 -22.67 40.00 10.64
C LEU B 113 -22.17 41.36 10.19
N TRP B 114 -22.86 41.96 9.22
CA TRP B 114 -22.52 43.29 8.74
C TRP B 114 -22.45 44.25 9.93
N THR B 115 -23.51 44.28 10.72
CA THR B 115 -23.63 45.18 11.87
C THR B 115 -22.51 44.96 12.89
N LYS B 116 -22.15 43.70 13.10
CA LYS B 116 -21.08 43.37 14.02
C LYS B 116 -19.76 43.95 13.54
N LEU B 117 -19.45 43.73 12.28
CA LEU B 117 -18.25 44.29 11.68
C LEU B 117 -18.21 45.83 11.77
N GLU B 118 -19.34 46.47 11.47
CA GLU B 118 -19.45 47.93 11.54
C GLU B 118 -19.19 48.45 12.94
N GLN B 119 -19.81 47.83 13.93
CA GLN B 119 -19.63 48.21 15.35
C GLN B 119 -18.20 47.99 15.83
N LYS B 120 -17.57 46.93 15.34
CA LYS B 120 -16.20 46.60 15.67
C LYS B 120 -15.20 47.61 15.04
N GLY B 121 -15.71 48.56 14.23
CA GLY B 121 -14.89 49.55 13.55
C GLY B 121 -14.23 49.05 12.27
N ASP B 122 -14.68 47.90 11.76
CA ASP B 122 -13.99 47.25 10.64
C ASP B 122 -14.67 47.48 9.28
N ILE B 123 -15.84 48.12 9.28
CA ILE B 123 -16.44 48.64 8.06
C ILE B 123 -16.67 50.09 8.32
N TYR B 124 -16.15 50.91 7.43
CA TYR B 124 -16.41 52.33 7.48
C TYR B 124 -17.03 52.81 6.17
N LEU B 125 -17.79 53.88 6.26
CA LEU B 125 -18.34 54.47 5.08
C LEU B 125 -17.36 55.52 4.57
N GLY B 126 -17.03 55.45 3.29
CA GLY B 126 -16.14 56.43 2.65
C GLY B 126 -16.62 56.91 1.31
N ARG B 127 -16.12 58.06 0.87
CA ARG B 127 -16.39 58.56 -0.48
C ARG B 127 -15.28 58.13 -1.44
N TYR B 128 -15.63 57.28 -2.41
CA TYR B 128 -14.67 56.87 -3.45
C TYR B 128 -14.80 57.82 -4.64
N GLU B 129 -13.65 58.31 -5.09
CA GLU B 129 -13.58 59.29 -6.16
C GLU B 129 -12.49 58.83 -7.13
N GLY B 130 -12.91 58.30 -8.28
CA GLY B 130 -11.98 57.62 -9.18
C GLY B 130 -12.70 56.87 -10.28
N TRP B 131 -11.97 56.06 -11.02
CA TRP B 131 -12.57 55.31 -12.12
C TRP B 131 -13.31 54.06 -11.64
N TYR B 132 -14.34 53.69 -12.39
CA TYR B 132 -15.15 52.51 -12.13
C TYR B 132 -15.60 51.87 -13.44
N SER B 133 -15.41 50.55 -13.54
CA SER B 133 -16.00 49.76 -14.62
C SER B 133 -17.29 49.13 -14.10
N ILE B 134 -18.43 49.65 -14.55
CA ILE B 134 -19.73 49.11 -14.18
C ILE B 134 -19.87 47.65 -14.63
N SER B 135 -19.42 47.36 -15.86
CA SER B 135 -19.49 46.00 -16.40
C SER B 135 -18.68 44.96 -15.59
N ASP B 136 -17.56 45.37 -15.02
CA ASP B 136 -16.74 44.49 -14.16
C ASP B 136 -17.03 44.71 -12.66
N GLU B 137 -17.85 45.71 -12.35
CA GLU B 137 -18.11 46.11 -10.96
C GLU B 137 -16.81 46.36 -10.21
N SER B 138 -15.82 46.93 -10.90
CA SER B 138 -14.47 47.10 -10.36
C SER B 138 -14.05 48.56 -10.28
N PHE B 139 -13.46 48.91 -9.16
CA PHE B 139 -12.76 50.18 -9.01
C PHE B 139 -11.39 50.03 -9.67
N LEU B 140 -10.95 51.07 -10.37
CA LEU B 140 -9.69 51.02 -11.11
C LEU B 140 -8.88 52.29 -10.84
N THR B 141 -7.56 52.13 -10.77
CA THR B 141 -6.66 53.27 -10.63
C THR B 141 -6.35 53.83 -12.02
N PRO B 142 -5.83 55.07 -12.08
CA PRO B 142 -5.50 55.66 -13.40
C PRO B 142 -4.58 54.83 -14.31
N GLN B 143 -3.74 53.97 -13.73
CA GLN B 143 -2.84 53.12 -14.52
C GLN B 143 -3.55 51.96 -15.21
N ASN B 144 -4.77 51.64 -14.76
CA ASN B 144 -5.58 50.58 -15.37
C ASN B 144 -6.58 51.05 -16.43
N ILE B 145 -6.42 52.27 -16.95
CA ILE B 145 -7.34 52.85 -17.94
C ILE B 145 -6.58 53.30 -19.20
N THR B 146 -7.27 53.32 -20.34
CA THR B 146 -6.78 53.91 -21.61
C THR B 146 -7.98 54.38 -22.45
N ASP B 147 -7.74 54.87 -23.67
CA ASP B 147 -8.81 55.35 -24.54
C ASP B 147 -9.33 54.22 -25.45
N GLY B 148 -10.56 54.35 -25.95
CA GLY B 148 -11.15 53.36 -26.86
C GLY B 148 -12.67 53.32 -26.86
N CYS B 156 -14.08 57.74 -25.45
CA CYS B 156 -14.30 57.50 -24.02
C CYS B 156 -13.06 56.83 -23.40
N LYS B 157 -13.16 56.49 -22.12
CA LYS B 157 -12.10 55.75 -21.44
C LYS B 157 -12.56 54.31 -21.17
N VAL B 158 -11.63 53.36 -21.32
CA VAL B 158 -11.93 51.94 -21.17
C VAL B 158 -10.90 51.27 -20.25
N SER B 159 -11.29 50.16 -19.64
CA SER B 159 -10.41 49.39 -18.76
C SER B 159 -9.29 48.75 -19.58
N LEU B 160 -8.07 48.80 -19.03
CA LEU B 160 -6.93 48.12 -19.64
C LEU B 160 -7.04 46.61 -19.44
N GLU B 161 -7.70 46.18 -18.36
CA GLU B 161 -7.84 44.75 -18.11
C GLU B 161 -8.92 44.08 -18.98
N SER B 162 -10.10 44.70 -19.09
CA SER B 162 -11.24 44.09 -19.80
C SER B 162 -11.69 44.80 -21.09
N GLY B 163 -11.35 46.08 -21.24
CA GLY B 163 -11.80 46.86 -22.40
C GLY B 163 -13.19 47.45 -22.27
N HIS B 164 -13.84 47.26 -21.12
CA HIS B 164 -15.16 47.83 -20.88
C HIS B 164 -15.06 49.30 -20.48
N VAL B 165 -16.14 50.04 -20.75
CA VAL B 165 -16.16 51.49 -20.55
C VAL B 165 -16.07 51.83 -19.06
N VAL B 166 -15.23 52.80 -18.73
CA VAL B 166 -15.07 53.26 -17.34
C VAL B 166 -15.62 54.67 -17.15
N THR B 167 -16.17 54.92 -15.97
CA THR B 167 -16.71 56.23 -15.64
C THR B 167 -16.03 56.76 -14.40
N TRP B 168 -15.85 58.07 -14.34
CA TRP B 168 -15.37 58.72 -13.14
C TRP B 168 -16.56 58.83 -12.20
N VAL B 169 -16.41 58.27 -11.01
CA VAL B 169 -17.49 58.34 -10.02
C VAL B 169 -17.02 59.10 -8.80
N SER B 170 -18.00 59.73 -8.16
CA SER B 170 -17.81 60.26 -6.81
C SER B 170 -19.05 59.80 -6.05
N GLU B 171 -18.90 58.68 -5.36
CA GLU B 171 -20.03 58.00 -4.70
C GLU B 171 -19.59 57.30 -3.43
N GLU B 172 -20.48 57.28 -2.44
CA GLU B 172 -20.16 56.65 -1.16
C GLU B 172 -20.12 55.15 -1.31
N ASN B 173 -19.21 54.54 -0.56
CA ASN B 173 -19.00 53.11 -0.57
C ASN B 173 -18.53 52.59 0.79
N TYR B 174 -19.03 51.42 1.17
CA TYR B 174 -18.54 50.76 2.38
C TYR B 174 -17.32 49.85 2.12
N MET B 175 -16.28 50.03 2.92
CA MET B 175 -15.03 49.29 2.80
C MET B 175 -14.80 48.51 4.07
N PHE B 176 -14.37 47.26 3.90
CA PHE B 176 -13.95 46.40 5.02
C PHE B 176 -12.42 46.50 5.18
N ARG B 177 -11.97 46.69 6.43
CA ARG B 177 -10.56 46.96 6.71
C ARG B 177 -9.71 45.70 6.68
N LEU B 178 -9.63 45.10 5.51
CA LEU B 178 -8.92 43.85 5.32
C LEU B 178 -7.44 43.98 5.63
N SER B 179 -6.85 45.13 5.29
CA SER B 179 -5.44 45.38 5.54
C SER B 179 -5.06 45.21 7.00
N ALA B 180 -6.00 45.49 7.90
CA ALA B 180 -5.75 45.41 9.33
C ALA B 180 -5.60 43.96 9.82
N PHE B 181 -5.98 42.99 9.00
CA PHE B 181 -5.99 41.57 9.40
C PHE B 181 -4.82 40.73 8.90
N ARG B 182 -3.88 41.37 8.23
CA ARG B 182 -2.74 40.66 7.66
C ARG B 182 -1.95 39.83 8.67
N GLU B 183 -1.54 40.44 9.79
CA GLU B 183 -0.74 39.74 10.81
C GLU B 183 -1.51 38.55 11.41
N ARG B 184 -2.77 38.76 11.72
CA ARG B 184 -3.62 37.70 12.29
C ARG B 184 -3.87 36.55 11.31
N LEU B 185 -4.05 36.86 10.03
CA LEU B 185 -4.23 35.80 9.04
C LEU B 185 -2.98 34.95 8.91
N LEU B 186 -1.82 35.60 8.95
CA LEU B 186 -0.56 34.91 8.87
C LEU B 186 -0.33 34.03 10.09
N GLU B 187 -0.59 34.57 11.28
CA GLU B 187 -0.59 33.77 12.50
C GLU B 187 -1.50 32.54 12.35
N TRP B 188 -2.68 32.72 11.79
CA TRP B 188 -3.60 31.61 11.60
C TRP B 188 -3.07 30.51 10.66
N TYR B 189 -2.52 30.91 9.53
CA TYR B 189 -1.97 29.93 8.57
C TYR B 189 -0.84 29.12 9.20
N HIS B 190 0.03 29.79 9.95
CA HIS B 190 1.19 29.15 10.54
C HIS B 190 0.91 28.27 11.74
N ALA B 191 -0.07 28.67 12.56
CA ALA B 191 -0.47 27.85 13.70
C ALA B 191 -1.28 26.63 13.25
N ASN B 192 -1.85 26.71 12.05
CA ASN B 192 -2.69 25.66 11.52
C ASN B 192 -2.25 25.23 10.13
N PRO B 193 -1.09 24.57 10.03
CA PRO B 193 -0.52 24.26 8.72
C PRO B 193 -1.30 23.26 7.85
N GLY B 194 -2.38 22.69 8.38
CA GLY B 194 -3.29 21.88 7.58
C GLY B 194 -4.59 22.59 7.18
N CYS B 195 -4.69 23.89 7.44
CA CYS B 195 -5.96 24.57 7.29
C CYS B 195 -6.34 24.80 5.84
N ILE B 196 -5.36 24.67 4.93
CA ILE B 196 -5.62 24.82 3.49
C ILE B 196 -4.97 23.67 2.74
N VAL B 197 -5.74 22.99 1.91
CA VAL B 197 -5.30 21.81 1.17
C VAL B 197 -5.68 21.97 -0.30
N PRO B 198 -4.84 21.54 -1.22
CA PRO B 198 -3.50 20.98 -0.98
C PRO B 198 -2.44 22.02 -0.60
N GLU B 199 -1.31 21.50 -0.13
CA GLU B 199 -0.26 22.30 0.46
C GLU B 199 0.23 23.44 -0.41
N PHE B 200 0.38 23.20 -1.72
CA PHE B 200 0.90 24.24 -2.61
C PHE B 200 -0.06 25.42 -2.74
N ARG B 201 -1.34 25.19 -2.46
CA ARG B 201 -2.34 26.26 -2.46
C ARG B 201 -2.30 27.01 -1.14
N ARG B 202 -1.98 26.30 -0.07
CA ARG B 202 -1.69 26.97 1.20
C ARG B 202 -0.52 27.93 1.02
N ARG B 203 0.56 27.45 0.42
CA ARG B 203 1.74 28.29 0.18
C ARG B 203 1.39 29.52 -0.64
N GLU B 204 0.54 29.36 -1.66
CA GLU B 204 0.10 30.48 -2.50
C GLU B 204 -0.61 31.56 -1.66
N VAL B 205 -1.53 31.14 -0.80
CA VAL B 205 -2.29 32.05 0.04
C VAL B 205 -1.37 32.82 0.97
N ILE B 206 -0.39 32.14 1.55
CA ILE B 206 0.51 32.79 2.49
C ILE B 206 1.34 33.84 1.79
N ARG B 207 1.91 33.50 0.63
CA ARG B 207 2.70 34.45 -0.14
C ARG B 207 1.92 35.72 -0.43
N ALA B 208 0.70 35.56 -0.94
CA ALA B 208 -0.16 36.68 -1.26
C ALA B 208 -0.41 37.60 -0.05
N VAL B 209 -0.70 37.00 1.11
CA VAL B 209 -0.97 37.80 2.32
C VAL B 209 0.30 38.47 2.87
N GLU B 210 1.43 37.77 2.82
CA GLU B 210 2.74 38.35 3.16
C GLU B 210 3.00 39.64 2.38
N LYS B 211 2.64 39.65 1.10
CA LYS B 211 2.89 40.79 0.21
C LYS B 211 2.16 42.05 0.65
N GLY B 212 1.00 41.87 1.26
CA GLY B 212 0.19 42.98 1.75
C GLY B 212 -1.24 42.78 1.33
N LEU B 213 -2.16 43.34 2.10
CA LEU B 213 -3.58 43.26 1.79
C LEU B 213 -4.19 44.65 1.67
N PRO B 214 -4.91 44.93 0.57
CA PRO B 214 -5.71 46.15 0.51
C PRO B 214 -7.00 45.95 1.28
N ASP B 215 -7.70 47.05 1.54
CA ASP B 215 -9.05 46.96 2.08
C ASP B 215 -9.98 46.50 0.96
N LEU B 216 -11.20 46.15 1.31
CA LEU B 216 -12.09 45.46 0.40
C LEU B 216 -13.47 46.12 0.37
N SER B 217 -13.88 46.55 -0.82
CA SER B 217 -15.24 47.04 -1.02
C SER B 217 -16.26 45.95 -0.73
N VAL B 218 -17.14 46.21 0.23
CA VAL B 218 -18.18 45.26 0.64
C VAL B 218 -19.61 45.72 0.28
N SER B 219 -19.75 46.88 -0.36
CA SER B 219 -21.07 47.34 -0.83
C SER B 219 -21.05 47.86 -2.28
N ARG B 220 -22.24 48.05 -2.86
CA ARG B 220 -22.38 48.76 -4.14
C ARG B 220 -23.66 49.60 -4.12
N ALA B 221 -23.68 50.64 -4.95
CA ALA B 221 -24.89 51.43 -5.17
C ALA B 221 -26.02 50.56 -5.70
N ARG B 222 -27.24 50.79 -5.21
CA ARG B 222 -28.38 49.94 -5.56
C ARG B 222 -28.75 49.93 -7.05
N ALA B 223 -28.61 51.07 -7.73
CA ALA B 223 -28.90 51.14 -9.17
C ALA B 223 -28.02 50.15 -9.96
N THR B 224 -26.76 50.05 -9.55
CA THR B 224 -25.78 49.21 -10.23
C THR B 224 -26.19 47.75 -10.24
N LEU B 225 -26.84 47.29 -9.16
CA LEU B 225 -27.30 45.91 -9.05
C LEU B 225 -28.78 45.71 -9.39
N HIS B 226 -29.41 46.72 -10.00
CA HIS B 226 -30.83 46.67 -10.31
C HIS B 226 -31.66 46.29 -9.07
N ASN B 227 -31.22 46.81 -7.92
CA ASN B 227 -31.90 46.58 -6.67
C ASN B 227 -32.12 45.11 -6.31
N TRP B 228 -31.21 44.25 -6.75
CA TRP B 228 -31.36 42.83 -6.53
C TRP B 228 -30.23 42.33 -5.65
N ALA B 229 -30.38 42.58 -4.35
CA ALA B 229 -29.36 42.33 -3.36
C ALA B 229 -29.91 42.68 -2.01
N ILE B 230 -29.13 42.37 -0.97
CA ILE B 230 -29.50 42.66 0.42
C ILE B 230 -29.11 44.11 0.75
N PRO B 231 -30.07 44.91 1.23
CA PRO B 231 -29.75 46.29 1.62
C PRO B 231 -28.79 46.37 2.80
N VAL B 232 -27.91 47.35 2.76
CA VAL B 232 -27.01 47.62 3.88
C VAL B 232 -27.88 48.08 5.05
N PRO B 233 -27.71 47.46 6.23
CA PRO B 233 -28.44 47.86 7.43
C PRO B 233 -28.26 49.35 7.72
N GLY B 234 -29.37 50.07 7.80
CA GLY B 234 -29.32 51.50 8.05
C GLY B 234 -29.00 52.37 6.85
N ASN B 235 -28.85 51.78 5.66
CA ASN B 235 -28.59 52.57 4.46
C ASN B 235 -29.14 51.90 3.22
N PRO B 236 -30.43 52.14 2.94
CA PRO B 236 -31.14 51.60 1.78
C PRO B 236 -30.56 51.96 0.41
N ASP B 237 -29.72 53.00 0.31
CA ASP B 237 -29.09 53.35 -0.97
C ASP B 237 -27.99 52.36 -1.40
N HIS B 238 -27.53 51.52 -0.46
CA HIS B 238 -26.44 50.59 -0.69
C HIS B 238 -26.81 49.15 -0.46
N CAS B 239 -26.18 48.28 -1.23
CA CAS B 239 -26.45 46.86 -1.16
CB CAS B 239 -26.91 46.29 -2.51
C CAS B 239 -25.19 46.16 -0.73
O CAS B 239 -24.07 46.56 -1.08
SG CAS B 239 -28.15 47.23 -3.33
AS CAS B 239 -29.95 46.72 -2.13
CE1 CAS B 239 -30.76 48.36 -1.35
CE2 CAS B 239 -31.37 45.92 -3.26
N VAL B 240 -25.38 45.07 -0.01
CA VAL B 240 -24.29 44.21 0.42
C VAL B 240 -23.77 43.49 -0.83
N TYR B 241 -22.47 43.62 -1.06
CA TYR B 241 -21.90 43.02 -2.25
C TYR B 241 -21.69 41.48 -2.03
N VAL B 242 -21.06 40.81 -2.97
CA VAL B 242 -20.96 39.34 -2.99
C VAL B 242 -20.30 38.76 -1.73
N TRP B 243 -19.30 39.46 -1.22
CA TRP B 243 -18.44 38.89 -0.21
C TRP B 243 -19.23 38.59 1.08
N LEU B 244 -19.85 39.61 1.68
CA LEU B 244 -20.61 39.40 2.92
C LEU B 244 -21.96 38.71 2.73
N ASP B 245 -22.49 38.71 1.51
CA ASP B 245 -23.68 37.91 1.26
C ASP B 245 -23.38 36.41 1.14
N ALA B 246 -22.64 36.04 0.09
CA ALA B 246 -22.50 34.65 -0.28
C ALA B 246 -21.72 33.81 0.74
N LEU B 247 -20.61 34.33 1.26
CA LEU B 247 -19.77 33.57 2.21
C LEU B 247 -20.50 33.34 3.50
N THR B 248 -21.33 34.30 3.87
CA THR B 248 -22.10 34.20 5.10
C THR B 248 -23.06 32.99 5.12
N ASN B 249 -23.35 32.43 3.95
CA ASN B 249 -24.26 31.28 3.86
C ASN B 249 -23.85 30.14 4.80
N TYR B 250 -22.54 29.99 4.96
CA TYR B 250 -22.01 28.97 5.84
C TYR B 250 -22.43 29.21 7.31
N LEU B 251 -22.36 30.47 7.72
CA LEU B 251 -22.80 30.85 9.06
C LEU B 251 -24.30 30.60 9.21
N THR B 252 -25.08 31.06 8.22
CA THR B 252 -26.53 30.87 8.26
C THR B 252 -26.89 29.39 8.38
N GLY B 253 -26.33 28.59 7.48
CA GLY B 253 -26.62 27.15 7.47
C GLY B 253 -26.35 26.50 8.82
N SER B 254 -25.27 26.91 9.47
CA SER B 254 -24.89 26.38 10.77
C SER B 254 -25.89 26.73 11.88
N ARG B 255 -26.78 27.67 11.59
CA ARG B 255 -27.79 28.13 12.56
C ARG B 255 -29.23 27.80 12.22
N LEU B 256 -29.48 27.03 11.17
CA LEU B 256 -30.86 26.69 10.79
C LEU B 256 -31.25 25.33 11.32
N ARG B 257 -32.29 25.26 12.13
CA ARG B 257 -32.96 23.98 12.41
C ARG B 257 -33.74 23.58 11.18
N VAL B 258 -33.69 22.30 10.84
CA VAL B 258 -34.23 21.80 9.58
C VAL B 258 -35.11 20.59 9.87
N ASP B 259 -36.32 20.61 9.32
CA ASP B 259 -37.28 19.52 9.55
C ASP B 259 -36.93 18.26 8.73
N GLU B 260 -37.76 17.22 8.86
CA GLU B 260 -37.54 15.94 8.19
C GLU B 260 -37.51 16.09 6.66
N SER B 261 -38.29 17.03 6.12
CA SER B 261 -38.37 17.25 4.67
C SER B 261 -37.27 18.16 4.11
N GLY B 262 -36.34 18.59 4.96
CA GLY B 262 -35.26 19.50 4.54
C GLY B 262 -35.62 20.98 4.45
N LYS B 263 -36.79 21.34 4.97
CA LYS B 263 -37.23 22.74 4.99
C LYS B 263 -36.71 23.42 6.25
N GLU B 264 -36.13 24.61 6.09
CA GLU B 264 -35.63 25.42 7.21
C GLU B 264 -36.77 25.87 8.10
N VAL B 265 -36.75 25.46 9.36
CA VAL B 265 -37.87 25.69 10.27
C VAL B 265 -37.62 26.73 11.38
N SER B 266 -36.36 27.11 11.59
CA SER B 266 -36.01 28.06 12.67
C SER B 266 -34.55 28.50 12.58
N LEU B 267 -34.29 29.77 12.87
CA LEU B 267 -32.93 30.28 12.96
C LEU B 267 -32.61 30.48 14.44
N VAL B 268 -31.54 29.84 14.91
CA VAL B 268 -31.11 30.02 16.30
C VAL B 268 -30.18 31.22 16.44
N ASP B 269 -30.20 31.86 17.61
CA ASP B 269 -29.40 33.05 17.89
C ASP B 269 -27.92 32.72 17.98
N ASP B 270 -27.62 31.62 18.66
CA ASP B 270 -26.26 31.24 19.00
C ASP B 270 -25.88 29.99 18.23
N PHE B 271 -24.92 30.13 17.32
CA PHE B 271 -24.45 28.99 16.51
C PHE B 271 -24.13 27.76 17.37
N ASN B 272 -23.57 27.97 18.55
CA ASN B 272 -23.24 26.87 19.46
C ASN B 272 -24.42 25.96 19.79
N GLU B 273 -25.63 26.49 19.76
CA GLU B 273 -26.82 25.67 20.00
C GLU B 273 -26.85 24.44 19.07
N LEU B 274 -26.37 24.58 17.83
CA LEU B 274 -26.44 23.48 16.85
C LEU B 274 -25.13 22.72 16.63
N GLU B 275 -24.02 23.23 17.16
CA GLU B 275 -22.73 22.53 17.21
C GLU B 275 -22.10 22.30 15.83
N ARG B 276 -22.43 23.17 14.86
CA ARG B 276 -21.95 23.00 13.50
C ARG B 276 -20.83 23.95 13.20
N PHE B 277 -21.05 25.24 13.45
CA PHE B 277 -20.05 26.25 13.15
C PHE B 277 -18.84 26.07 14.09
N PRO B 278 -17.63 26.21 13.57
CA PRO B 278 -17.35 26.52 12.17
C PRO B 278 -17.22 25.27 11.30
N ALA B 279 -17.08 25.48 10.00
CA ALA B 279 -16.97 24.36 9.08
C ALA B 279 -15.72 23.54 9.38
N ASP B 280 -15.90 22.23 9.46
CA ASP B 280 -14.77 21.32 9.54
C ASP B 280 -14.05 21.24 8.20
N VAL B 281 -14.82 21.31 7.11
CA VAL B 281 -14.27 21.33 5.76
C VAL B 281 -15.13 22.18 4.84
N HIS B 282 -14.51 23.22 4.26
CA HIS B 282 -15.11 23.98 3.20
C HIS B 282 -14.54 23.46 1.87
N VAL B 283 -15.38 22.81 1.06
CA VAL B 283 -14.95 22.37 -0.26
C VAL B 283 -15.15 23.52 -1.26
N ILE B 284 -14.11 23.84 -2.03
CA ILE B 284 -14.21 24.88 -3.06
C ILE B 284 -13.36 24.57 -4.28
N GLY B 285 -13.66 25.26 -5.37
CA GLY B 285 -12.76 25.27 -6.51
C GLY B 285 -11.62 26.23 -6.23
N LYS B 286 -10.49 26.01 -6.91
CA LYS B 286 -9.32 26.87 -6.77
C LYS B 286 -9.60 28.33 -7.10
N ASP B 287 -10.52 28.58 -8.01
CA ASP B 287 -10.83 29.95 -8.41
C ASP B 287 -11.44 30.82 -7.31
N ILE B 288 -11.92 30.21 -6.22
CA ILE B 288 -12.45 31.04 -5.12
C ILE B 288 -11.70 30.89 -3.79
N LEU B 289 -10.44 30.47 -3.89
CA LEU B 289 -9.57 30.28 -2.73
C LEU B 289 -9.34 31.54 -1.91
N LYS B 290 -9.04 32.65 -2.60
CA LYS B 290 -8.71 33.88 -1.87
C LYS B 290 -9.90 34.39 -1.07
N PHE B 291 -11.11 34.18 -1.58
CA PHE B 291 -12.33 34.62 -0.87
C PHE B 291 -12.54 33.78 0.39
N HIS B 292 -12.21 32.49 0.31
CA HIS B 292 -12.40 31.57 1.43
C HIS B 292 -11.24 31.53 2.43
N ALA B 293 -10.02 31.79 1.96
CA ALA B 293 -8.83 31.68 2.81
C ALA B 293 -8.32 33.02 3.31
N ILE B 294 -8.83 34.10 2.74
CA ILE B 294 -8.41 35.47 3.13
C ILE B 294 -9.61 36.29 3.60
N TYR B 295 -10.55 36.59 2.72
CA TYR B 295 -11.68 37.47 3.10
C TYR B 295 -12.51 36.83 4.22
N TRP B 296 -12.96 35.61 3.97
CA TRP B 296 -13.86 34.89 4.90
C TRP B 296 -13.30 34.86 6.33
N PRO B 297 -12.06 34.35 6.51
CA PRO B 297 -11.53 34.34 7.89
C PRO B 297 -11.28 35.73 8.50
N ALA B 298 -10.96 36.72 7.69
CA ALA B 298 -10.87 38.09 8.19
C ALA B 298 -12.20 38.53 8.78
N PHE B 299 -13.30 38.26 8.07
CA PHE B 299 -14.65 38.63 8.54
C PHE B 299 -14.94 37.96 9.88
N LEU B 300 -14.57 36.69 9.98
CA LEU B 300 -14.80 35.90 11.21
C LEU B 300 -13.95 36.41 12.38
N LEU B 301 -12.71 36.78 12.07
CA LEU B 301 -11.83 37.42 13.06
C LEU B 301 -12.39 38.77 13.56
N SER B 302 -12.88 39.59 12.64
CA SER B 302 -13.49 40.85 13.01
C SER B 302 -14.64 40.62 13.97
N ALA B 303 -15.45 39.62 13.68
CA ALA B 303 -16.68 39.35 14.43
C ALA B 303 -16.52 38.52 15.70
N GLY B 304 -15.30 38.05 15.95
CA GLY B 304 -15.02 37.17 17.08
C GLY B 304 -15.57 35.77 16.90
N LEU B 305 -15.73 35.33 15.65
CA LEU B 305 -16.27 34.01 15.35
C LEU B 305 -15.12 33.03 15.12
N PRO B 306 -15.32 31.73 15.45
CA PRO B 306 -14.28 30.74 15.18
C PRO B 306 -14.04 30.51 13.70
N LEU B 307 -12.80 30.12 13.37
CA LEU B 307 -12.39 29.91 11.99
C LEU B 307 -12.60 28.45 11.56
N PRO B 308 -12.82 28.22 10.26
CA PRO B 308 -12.95 26.86 9.76
C PRO B 308 -11.67 26.05 9.96
N LYS B 309 -11.80 24.74 10.08
CA LYS B 309 -10.66 23.86 10.30
C LYS B 309 -9.87 23.65 9.02
N LYS B 310 -10.57 23.45 7.91
CA LYS B 310 -9.95 23.15 6.64
C LYS B 310 -10.72 23.73 5.47
N ILE B 311 -9.98 24.27 4.52
CA ILE B 311 -10.48 24.61 3.22
C ILE B 311 -9.76 23.69 2.26
N VAL B 312 -10.51 22.96 1.46
CA VAL B 312 -9.91 22.13 0.42
C VAL B 312 -10.32 22.68 -0.95
N ALA B 313 -9.33 22.94 -1.78
CA ALA B 313 -9.55 23.56 -3.07
C ALA B 313 -9.14 22.61 -4.19
N HIS B 314 -10.08 22.27 -5.06
CA HIS B 314 -9.83 21.32 -6.14
C HIS B 314 -9.58 22.03 -7.49
N GLY B 315 -9.40 21.25 -8.57
CA GLY B 315 -9.22 21.78 -9.95
C GLY B 315 -10.44 21.77 -10.90
N TRP B 316 -10.21 22.10 -12.18
CA TRP B 316 -11.25 22.01 -13.21
C TRP B 316 -11.31 20.62 -13.83
N TRP B 317 -12.37 20.38 -14.60
CA TRP B 317 -12.45 19.22 -15.49
C TRP B 317 -12.34 19.57 -16.98
N THR B 318 -11.62 18.73 -17.71
CA THR B 318 -11.60 18.75 -19.17
C THR B 318 -12.27 17.47 -19.70
N LYS B 319 -12.59 17.45 -20.99
CA LYS B 319 -13.07 16.23 -21.65
C LYS B 319 -12.27 15.99 -22.93
N ASP B 320 -11.70 14.80 -23.08
CA ASP B 320 -10.83 14.48 -24.22
C ASP B 320 -9.71 15.52 -24.37
N ARG B 321 -9.19 15.96 -23.23
CA ARG B 321 -8.10 16.94 -23.14
C ARG B 321 -8.41 18.31 -23.74
N LYS B 322 -9.69 18.59 -24.02
CA LYS B 322 -10.12 19.94 -24.46
C LYS B 322 -11.01 20.57 -23.38
N LYS B 323 -11.02 21.90 -23.32
CA LYS B 323 -11.89 22.64 -22.41
C LYS B 323 -13.36 22.31 -22.66
N ILE B 324 -14.12 22.13 -21.59
CA ILE B 324 -15.53 21.79 -21.68
C ILE B 324 -16.39 23.04 -21.99
N SER B 325 -17.25 22.93 -22.99
CA SER B 325 -18.09 24.04 -23.44
C SER B 325 -19.22 23.53 -24.33
N LYS B 326 -20.38 24.19 -24.26
CA LYS B 326 -21.54 23.85 -25.10
C LYS B 326 -21.37 24.44 -26.50
N SER B 327 -20.96 25.71 -26.55
CA SER B 327 -20.72 26.41 -27.81
C SER B 327 -19.44 25.95 -28.53
N LEU B 328 -18.41 25.60 -27.76
CA LEU B 328 -17.15 25.09 -28.33
C LEU B 328 -17.23 23.61 -28.74
N GLY B 329 -18.37 22.97 -28.51
CA GLY B 329 -18.65 21.64 -29.07
C GLY B 329 -18.11 20.45 -28.30
N ASN B 330 -17.83 20.64 -27.01
CA ASN B 330 -17.33 19.57 -26.16
C ASN B 330 -18.06 19.55 -24.82
N VAL B 331 -19.14 18.77 -24.76
CA VAL B 331 -20.05 18.77 -23.63
C VAL B 331 -19.77 17.57 -22.72
N PHE B 332 -19.91 17.78 -21.41
CA PHE B 332 -19.78 16.69 -20.44
C PHE B 332 -20.91 16.76 -19.41
N ASP B 333 -21.95 15.96 -19.66
CA ASP B 333 -23.17 15.95 -18.85
C ASP B 333 -23.09 14.82 -17.84
N PRO B 334 -22.99 15.14 -16.54
CA PRO B 334 -22.84 14.09 -15.53
C PRO B 334 -24.02 13.13 -15.48
N VAL B 335 -25.23 13.66 -15.53
CA VAL B 335 -26.44 12.82 -15.50
C VAL B 335 -26.42 11.83 -16.66
N GLU B 336 -26.09 12.32 -17.85
CA GLU B 336 -26.07 11.51 -19.06
C GLU B 336 -25.07 10.37 -18.92
N LYS B 337 -23.85 10.70 -18.48
CA LYS B 337 -22.80 9.69 -18.33
C LYS B 337 -23.06 8.74 -17.18
N ALA B 338 -23.81 9.20 -16.18
CA ALA B 338 -24.22 8.34 -15.08
C ALA B 338 -25.30 7.35 -15.54
N GLU B 339 -26.25 7.84 -16.35
CA GLU B 339 -27.24 6.97 -16.97
C GLU B 339 -26.59 5.91 -17.88
N GLU B 340 -25.45 6.27 -18.48
CA GLU B 340 -24.74 5.37 -19.39
C GLU B 340 -23.90 4.33 -18.66
N PHE B 341 -23.10 4.77 -17.70
CA PHE B 341 -22.14 3.89 -17.04
C PHE B 341 -22.49 3.52 -15.60
N GLY B 342 -23.51 4.18 -15.04
CA GLY B 342 -23.88 3.98 -13.64
C GLY B 342 -23.45 5.16 -12.76
N TYR B 343 -24.28 5.49 -11.79
CA TYR B 343 -24.05 6.65 -10.93
C TYR B 343 -22.81 6.45 -10.04
N ASP B 344 -22.80 5.38 -9.26
CA ASP B 344 -21.65 5.11 -8.38
C ASP B 344 -20.36 5.01 -9.18
N ALA B 345 -20.45 4.38 -10.34
CA ALA B 345 -19.29 4.19 -11.20
C ALA B 345 -18.70 5.53 -11.64
N LEU B 346 -19.56 6.46 -12.04
CA LEU B 346 -19.13 7.79 -12.44
C LEU B 346 -18.54 8.56 -11.29
N LYS B 347 -19.16 8.44 -10.12
CA LYS B 347 -18.67 9.12 -8.94
C LYS B 347 -17.28 8.60 -8.59
N TYR B 348 -17.13 7.29 -8.60
CA TYR B 348 -15.84 6.65 -8.37
C TYR B 348 -14.83 7.20 -9.35
N PHE B 349 -15.20 7.24 -10.63
CA PHE B 349 -14.26 7.75 -11.62
C PHE B 349 -13.81 9.19 -11.36
N LEU B 350 -14.76 10.08 -11.11
CA LEU B 350 -14.43 11.49 -10.88
C LEU B 350 -13.49 11.67 -9.67
N LEU B 351 -13.67 10.83 -8.64
CA LEU B 351 -12.90 10.92 -7.42
C LEU B 351 -11.60 10.14 -7.48
N ARG B 352 -11.55 9.10 -8.30
CA ARG B 352 -10.34 8.29 -8.48
C ARG B 352 -9.40 8.91 -9.52
N GLU B 353 -9.95 9.42 -10.61
CA GLU B 353 -9.13 9.82 -11.74
C GLU B 353 -8.15 10.94 -11.42
N SER B 354 -8.57 11.89 -10.61
CA SER B 354 -7.71 13.03 -10.35
C SER B 354 -7.76 13.47 -8.91
N GLY B 355 -6.61 13.85 -8.37
CA GLY B 355 -6.55 14.47 -7.07
C GLY B 355 -6.87 15.96 -7.16
N PHE B 356 -6.87 16.60 -6.01
CA PHE B 356 -7.32 17.99 -5.91
C PHE B 356 -6.26 18.97 -6.41
N SER B 357 -5.02 18.51 -6.49
CA SER B 357 -3.94 19.29 -7.10
C SER B 357 -4.03 19.39 -8.62
N ASP B 358 -4.92 18.61 -9.24
CA ASP B 358 -4.93 18.44 -10.69
C ASP B 358 -6.25 18.83 -11.31
N ASP B 359 -6.19 19.35 -12.54
CA ASP B 359 -7.36 19.44 -13.40
C ASP B 359 -7.58 18.07 -14.05
N GLY B 360 -8.60 17.35 -13.59
CA GLY B 360 -8.93 16.04 -14.15
C GLY B 360 -9.34 16.10 -15.62
N ASP B 361 -9.11 14.98 -16.32
CA ASP B 361 -9.58 14.76 -17.70
C ASP B 361 -10.50 13.54 -17.80
N TYR B 362 -11.74 13.76 -18.23
CA TYR B 362 -12.66 12.68 -18.52
C TYR B 362 -12.58 12.27 -19.99
N SER B 363 -12.47 10.96 -20.23
CA SER B 363 -12.81 10.34 -21.53
C SER B 363 -13.57 9.04 -21.28
N ASP B 364 -14.39 8.66 -22.24
CA ASP B 364 -15.10 7.38 -22.16
C ASP B 364 -14.14 6.19 -22.09
N LYS B 365 -13.03 6.30 -22.83
CA LYS B 365 -11.99 5.27 -22.81
C LYS B 365 -11.52 4.97 -21.38
N ASN B 366 -11.04 6.00 -20.69
CA ASN B 366 -10.49 5.83 -19.34
C ASN B 366 -11.57 5.44 -18.35
N MET B 367 -12.77 5.97 -18.53
CA MET B 367 -13.92 5.62 -17.69
C MET B 367 -14.22 4.13 -17.74
N ILE B 368 -14.30 3.60 -18.96
CA ILE B 368 -14.48 2.17 -19.18
C ILE B 368 -13.31 1.38 -18.61
N ALA B 369 -12.09 1.87 -18.85
CA ALA B 369 -10.89 1.24 -18.29
C ALA B 369 -10.95 1.09 -16.77
N ARG B 370 -11.40 2.12 -16.08
CA ARG B 370 -11.51 2.07 -14.63
C ARG B 370 -12.71 1.23 -14.20
N LEU B 371 -13.81 1.35 -14.92
CA LEU B 371 -14.98 0.52 -14.65
C LEU B 371 -14.64 -0.96 -14.74
N ASN B 372 -14.07 -1.35 -15.88
CA ASN B 372 -13.74 -2.74 -16.14
C ASN B 372 -12.67 -3.30 -15.21
N GLY B 373 -11.58 -2.55 -15.04
CA GLY B 373 -10.41 -3.03 -14.32
C GLY B 373 -10.53 -2.97 -12.81
N GLU B 374 -11.02 -1.84 -12.30
CA GLU B 374 -11.09 -1.64 -10.85
C GLU B 374 -12.42 -2.13 -10.29
N LEU B 375 -13.53 -1.62 -10.84
CA LEU B 375 -14.84 -1.90 -10.28
C LEU B 375 -15.31 -3.31 -10.55
N ALA B 376 -15.21 -3.73 -11.80
CA ALA B 376 -15.65 -5.06 -12.21
C ALA B 376 -14.63 -6.15 -11.85
N ASP B 377 -13.42 -6.00 -12.38
CA ASP B 377 -12.41 -7.06 -12.24
C ASP B 377 -11.84 -7.20 -10.85
N THR B 378 -11.70 -6.10 -10.11
CA THR B 378 -11.05 -6.16 -8.81
C THR B 378 -12.11 -6.33 -7.74
N LEU B 379 -13.01 -5.37 -7.63
CA LEU B 379 -14.03 -5.40 -6.57
C LEU B 379 -15.17 -6.40 -6.85
N GLY B 380 -15.79 -6.27 -8.03
CA GLY B 380 -16.94 -7.09 -8.38
C GLY B 380 -16.64 -8.57 -8.43
N ASN B 381 -15.54 -8.90 -9.10
CA ASN B 381 -15.02 -10.27 -9.17
C ASN B 381 -14.95 -10.93 -7.80
N LEU B 382 -14.33 -10.21 -6.87
CA LEU B 382 -14.06 -10.69 -5.55
C LEU B 382 -15.33 -10.91 -4.76
N VAL B 383 -16.30 -10.02 -4.97
CA VAL B 383 -17.60 -10.13 -4.29
C VAL B 383 -18.31 -11.39 -4.71
N MET B 384 -18.30 -11.66 -6.02
CA MET B 384 -18.94 -12.86 -6.56
C MET B 384 -18.21 -14.13 -6.10
N ARG B 385 -16.87 -14.11 -6.14
CA ARG B 385 -16.07 -15.26 -5.70
C ARG B 385 -16.41 -15.75 -4.31
N CYS B 386 -16.45 -14.84 -3.34
CA CYS B 386 -16.61 -15.25 -1.94
C CYS B 386 -18.06 -15.55 -1.57
N THR B 387 -19.01 -15.13 -2.42
CA THR B 387 -20.44 -15.43 -2.22
C THR B 387 -20.96 -16.52 -3.16
N SER B 388 -20.11 -16.99 -4.06
CA SER B 388 -20.47 -18.05 -5.02
C SER B 388 -20.88 -19.34 -4.30
N ALA B 389 -21.96 -19.97 -4.77
CA ALA B 389 -22.38 -21.26 -4.23
C ALA B 389 -21.34 -22.35 -4.48
N LYS B 390 -20.56 -22.21 -5.53
CA LYS B 390 -19.50 -23.17 -5.85
C LYS B 390 -18.42 -23.17 -4.78
N ILE B 391 -18.13 -21.99 -4.22
CA ILE B 391 -17.06 -21.84 -3.24
C ILE B 391 -17.60 -21.80 -1.80
N ASN B 392 -18.56 -20.92 -1.59
CA ASN B 392 -19.25 -20.78 -0.31
C ASN B 392 -20.48 -21.69 -0.36
N VAL B 393 -20.27 -22.98 -0.17
CA VAL B 393 -21.32 -23.96 -0.41
C VAL B 393 -22.46 -23.85 0.60
N ASN B 394 -22.14 -23.45 1.83
CA ASN B 394 -23.15 -23.34 2.89
C ASN B 394 -23.86 -22.01 2.96
N GLY B 395 -23.48 -21.07 2.10
CA GLY B 395 -24.12 -19.76 2.04
C GLY B 395 -24.03 -19.01 3.35
N GLU B 396 -22.84 -18.95 3.94
CA GLU B 396 -22.66 -18.29 5.24
C GLU B 396 -21.22 -17.89 5.52
N TRP B 397 -21.03 -17.07 6.55
CA TRP B 397 -19.71 -16.75 7.06
C TRP B 397 -19.19 -17.94 7.87
N PRO B 398 -18.10 -18.57 7.40
CA PRO B 398 -17.60 -19.74 8.12
C PRO B 398 -16.74 -19.34 9.30
N SER B 399 -16.61 -20.25 10.24
CA SER B 399 -15.73 -20.06 11.38
C SER B 399 -14.30 -20.40 10.94
N PRO B 400 -13.36 -19.47 11.09
CA PRO B 400 -12.01 -19.77 10.62
C PRO B 400 -11.32 -20.82 11.49
N ALA B 401 -10.45 -21.61 10.88
CA ALA B 401 -9.52 -22.48 11.63
C ALA B 401 -8.23 -21.67 11.87
N ALA B 402 -7.13 -22.34 12.19
CA ALA B 402 -5.89 -21.65 12.51
C ALA B 402 -5.31 -20.87 11.33
N TYR B 403 -4.70 -19.74 11.62
CA TYR B 403 -4.18 -18.84 10.60
C TYR B 403 -2.73 -19.15 10.27
N THR B 404 -2.39 -19.17 8.99
CA THR B 404 -0.99 -19.20 8.57
C THR B 404 -0.38 -17.80 8.65
N GLU B 405 0.92 -17.71 8.41
CA GLU B 405 1.59 -16.41 8.32
C GLU B 405 1.05 -15.62 7.13
N GLU B 406 0.78 -16.30 6.02
CA GLU B 406 0.22 -15.62 4.86
C GLU B 406 -1.18 -15.08 5.16
N ASP B 407 -1.99 -15.86 5.86
CA ASP B 407 -3.28 -15.38 6.33
C ASP B 407 -3.08 -14.10 7.15
N GLU B 408 -2.13 -14.14 8.09
CA GLU B 408 -1.91 -13.03 8.99
C GLU B 408 -1.44 -11.76 8.25
N SER B 409 -0.68 -11.94 7.17
CA SER B 409 -0.19 -10.78 6.41
C SER B 409 -1.36 -10.05 5.79
N LEU B 410 -2.33 -10.79 5.28
CA LEU B 410 -3.51 -10.19 4.70
C LEU B 410 -4.38 -9.54 5.76
N ILE B 411 -4.60 -10.26 6.86
CA ILE B 411 -5.37 -9.74 7.97
C ILE B 411 -4.80 -8.42 8.50
N GLN B 412 -3.49 -8.34 8.57
CA GLN B 412 -2.83 -7.13 9.01
C GLN B 412 -3.20 -5.95 8.12
N LEU B 413 -3.19 -6.18 6.79
CA LEU B 413 -3.52 -5.14 5.84
C LEU B 413 -4.96 -4.68 6.03
N ILE B 414 -5.85 -5.65 6.26
CA ILE B 414 -7.25 -5.32 6.49
C ILE B 414 -7.43 -4.53 7.80
N LYS B 415 -6.69 -4.92 8.84
CA LYS B 415 -6.76 -4.21 10.13
C LYS B 415 -6.19 -2.79 10.04
N ASP B 416 -5.14 -2.62 9.25
CA ASP B 416 -4.47 -1.33 9.14
C ASP B 416 -5.26 -0.36 8.26
N LEU B 417 -6.05 -0.91 7.34
CA LEU B 417 -6.73 -0.09 6.34
C LEU B 417 -7.62 1.02 6.90
N PRO B 418 -8.44 0.73 7.94
CA PRO B 418 -9.32 1.80 8.41
C PRO B 418 -8.58 3.02 8.91
N GLY B 419 -7.52 2.83 9.69
CA GLY B 419 -6.71 3.94 10.16
C GLY B 419 -6.05 4.71 9.03
N THR B 420 -5.62 3.99 7.99
CA THR B 420 -4.97 4.59 6.84
C THR B 420 -5.99 5.41 6.05
N ALA B 421 -7.11 4.80 5.73
CA ALA B 421 -8.16 5.46 4.98
C ALA B 421 -8.74 6.65 5.76
N ASP B 422 -8.89 6.49 7.07
CA ASP B 422 -9.37 7.58 7.92
C ASP B 422 -8.51 8.84 7.80
N HIS B 423 -7.19 8.70 7.89
CA HIS B 423 -6.33 9.86 7.75
C HIS B 423 -6.48 10.51 6.38
N TYR B 424 -6.58 9.69 5.33
CA TYR B 424 -6.73 10.21 3.99
C TYR B 424 -8.05 10.98 3.87
N TYR B 425 -9.14 10.40 4.37
CA TYR B 425 -10.45 11.06 4.32
C TYR B 425 -10.41 12.39 5.04
N LEU B 426 -9.63 12.48 6.12
CA LEU B 426 -9.57 13.71 6.91
C LEU B 426 -8.65 14.79 6.37
N ILE B 427 -7.78 14.48 5.42
CA ILE B 427 -6.85 15.49 4.89
C ILE B 427 -7.56 16.73 4.32
N PRO B 428 -8.56 16.60 3.43
CA PRO B 428 -9.05 15.35 2.86
C PRO B 428 -8.38 15.04 1.53
N ASP B 429 -8.20 13.77 1.24
CA ASP B 429 -7.63 13.34 -0.05
C ASP B 429 -8.32 12.04 -0.39
N ILE B 430 -9.45 12.19 -1.06
CA ILE B 430 -10.33 11.09 -1.37
C ILE B 430 -9.71 10.12 -2.37
N GLN B 431 -8.91 10.67 -3.31
CA GLN B 431 -8.22 9.81 -4.27
C GLN B 431 -7.33 8.80 -3.53
N LYS B 432 -6.59 9.27 -2.54
CA LYS B 432 -5.70 8.40 -1.77
C LYS B 432 -6.44 7.43 -0.86
N ALA B 433 -7.60 7.84 -0.36
CA ALA B 433 -8.43 6.92 0.40
C ALA B 433 -8.88 5.78 -0.51
N ILE B 434 -9.29 6.13 -1.73
CA ILE B 434 -9.71 5.11 -2.69
C ILE B 434 -8.56 4.16 -3.06
N ILE B 435 -7.41 4.74 -3.38
CA ILE B 435 -6.26 3.96 -3.75
C ILE B 435 -5.89 2.98 -2.64
N ALA B 436 -5.96 3.43 -1.39
CA ALA B 436 -5.57 2.60 -0.25
C ALA B 436 -6.49 1.41 -0.12
N VAL B 437 -7.79 1.63 -0.30
CA VAL B 437 -8.72 0.53 -0.23
C VAL B 437 -8.47 -0.47 -1.36
N PHE B 438 -8.26 0.04 -2.56
CA PHE B 438 -8.05 -0.85 -3.70
C PHE B 438 -6.73 -1.62 -3.62
N ASP B 439 -5.73 -1.06 -2.94
CA ASP B 439 -4.49 -1.79 -2.69
C ASP B 439 -4.81 -3.02 -1.85
N VAL B 440 -5.73 -2.88 -0.91
CA VAL B 440 -6.14 -4.02 -0.09
C VAL B 440 -6.96 -4.98 -0.93
N LEU B 441 -7.80 -4.45 -1.81
CA LEU B 441 -8.61 -5.33 -2.67
C LEU B 441 -7.75 -6.15 -3.61
N ARG B 442 -6.70 -5.55 -4.15
CA ARG B 442 -5.77 -6.29 -5.01
C ARG B 442 -5.06 -7.38 -4.19
N ALA B 443 -4.65 -7.05 -2.97
CA ALA B 443 -4.02 -8.01 -2.08
C ALA B 443 -4.92 -9.20 -1.77
N ILE B 444 -6.20 -8.92 -1.52
CA ILE B 444 -7.18 -9.97 -1.25
C ILE B 444 -7.34 -10.83 -2.49
N ASN B 445 -7.45 -10.22 -3.67
CA ASN B 445 -7.53 -10.98 -4.91
C ASN B 445 -6.34 -11.90 -5.13
N ALA B 446 -5.14 -11.40 -4.84
CA ALA B 446 -3.94 -12.20 -4.96
C ALA B 446 -3.98 -13.39 -3.98
N TYR B 447 -4.38 -13.11 -2.75
CA TYR B 447 -4.52 -14.16 -1.74
C TYR B 447 -5.46 -15.24 -2.22
N VAL B 448 -6.61 -14.85 -2.75
CA VAL B 448 -7.59 -15.80 -3.24
C VAL B 448 -6.99 -16.67 -4.33
N THR B 449 -6.29 -16.04 -5.29
CA THR B 449 -5.58 -16.77 -6.36
C THR B 449 -4.56 -17.75 -5.78
N ASP B 450 -3.74 -17.29 -4.84
CA ASP B 450 -2.75 -18.16 -4.18
C ASP B 450 -3.40 -19.32 -3.45
N MET B 451 -4.53 -19.08 -2.79
CA MET B 451 -5.18 -20.15 -2.02
C MET B 451 -6.11 -21.05 -2.85
N ALA B 452 -6.60 -20.55 -3.99
CA ALA B 452 -7.48 -21.31 -4.90
C ALA B 452 -8.62 -22.02 -4.15
N PRO B 453 -9.54 -21.25 -3.54
CA PRO B 453 -10.56 -21.85 -2.68
C PRO B 453 -11.50 -22.84 -3.41
N TRP B 454 -11.65 -22.64 -4.72
CA TRP B 454 -12.39 -23.57 -5.56
C TRP B 454 -11.82 -24.99 -5.54
N LYS B 455 -10.50 -25.12 -5.43
CA LYS B 455 -9.88 -26.45 -5.28
C LYS B 455 -10.06 -27.01 -3.88
N LEU B 456 -10.09 -26.12 -2.90
CA LEU B 456 -10.18 -26.50 -1.49
C LEU B 456 -11.53 -27.08 -1.10
N VAL B 457 -12.61 -26.71 -1.80
CA VAL B 457 -13.94 -27.27 -1.51
C VAL B 457 -13.89 -28.80 -1.46
N LYS B 458 -13.30 -29.40 -2.48
CA LYS B 458 -13.15 -30.86 -2.56
C LYS B 458 -11.98 -31.36 -1.69
N THR B 459 -10.89 -30.59 -1.63
CA THR B 459 -9.63 -31.07 -1.04
C THR B 459 -9.54 -30.93 0.47
N ASP B 460 -9.69 -29.69 0.95
CA ASP B 460 -9.45 -29.36 2.36
C ASP B 460 -10.51 -28.38 2.87
N PRO B 461 -11.64 -28.89 3.35
CA PRO B 461 -12.73 -28.01 3.80
C PRO B 461 -12.36 -27.12 4.98
N GLU B 462 -11.55 -27.65 5.91
CA GLU B 462 -11.09 -26.90 7.07
C GLU B 462 -10.32 -25.66 6.62
N ARG B 463 -9.38 -25.85 5.69
CA ARG B 463 -8.61 -24.73 5.17
C ARG B 463 -9.49 -23.69 4.47
N LEU B 464 -10.45 -24.15 3.68
CA LEU B 464 -11.39 -23.25 3.02
C LEU B 464 -12.13 -22.32 3.99
N ARG B 465 -12.55 -22.85 5.13
CA ARG B 465 -13.22 -22.04 6.14
C ARG B 465 -12.39 -20.79 6.46
N THR B 466 -11.12 -21.01 6.73
CA THR B 466 -10.21 -19.94 7.09
C THR B 466 -10.08 -18.93 5.94
N VAL B 467 -9.90 -19.46 4.73
CA VAL B 467 -9.65 -18.64 3.54
C VAL B 467 -10.88 -17.82 3.18
N LEU B 468 -12.02 -18.50 3.22
CA LEU B 468 -13.29 -17.88 2.92
C LEU B 468 -13.60 -16.78 3.92
N TYR B 469 -13.42 -17.07 5.21
CA TYR B 469 -13.74 -16.11 6.26
C TYR B 469 -12.92 -14.83 6.12
N ILE B 470 -11.63 -14.96 5.86
CA ILE B 470 -10.77 -13.81 5.68
C ILE B 470 -11.17 -13.00 4.44
N THR B 471 -11.51 -13.68 3.36
CA THR B 471 -11.91 -13.03 2.13
C THR B 471 -13.17 -12.21 2.34
N LEU B 472 -14.15 -12.84 2.97
CA LEU B 472 -15.41 -12.17 3.28
C LEU B 472 -15.17 -10.92 4.11
N GLU B 473 -14.36 -11.05 5.15
CA GLU B 473 -14.13 -9.96 6.07
C GLU B 473 -13.39 -8.83 5.37
N GLY B 474 -12.45 -9.19 4.50
CA GLY B 474 -11.74 -8.21 3.69
C GLY B 474 -12.68 -7.41 2.79
N VAL B 475 -13.63 -8.11 2.18
CA VAL B 475 -14.59 -7.46 1.31
C VAL B 475 -15.48 -6.52 2.13
N ARG B 476 -15.89 -6.98 3.32
CA ARG B 476 -16.76 -6.16 4.16
C ARG B 476 -16.09 -4.86 4.51
N VAL B 477 -14.86 -4.95 4.99
CA VAL B 477 -14.15 -3.80 5.50
C VAL B 477 -13.78 -2.82 4.40
N THR B 478 -13.31 -3.34 3.26
CA THR B 478 -13.02 -2.49 2.10
C THR B 478 -14.29 -1.78 1.64
N THR B 479 -15.39 -2.52 1.59
CA THR B 479 -16.66 -2.00 1.10
C THR B 479 -17.19 -0.92 2.03
N LEU B 480 -17.09 -1.17 3.33
CA LEU B 480 -17.48 -0.17 4.33
C LEU B 480 -16.74 1.15 4.10
N LEU B 481 -15.44 1.07 3.92
CA LEU B 481 -14.64 2.25 3.67
C LEU B 481 -14.87 2.87 2.29
N LEU B 482 -15.38 2.07 1.34
CA LEU B 482 -15.80 2.59 0.03
C LEU B 482 -17.26 3.06 -0.01
N SER B 483 -18.01 2.86 1.07
CA SER B 483 -19.45 3.18 1.02
C SER B 483 -19.74 4.65 0.74
N PRO B 484 -18.87 5.58 1.18
CA PRO B 484 -19.07 6.96 0.79
C PRO B 484 -18.88 7.24 -0.70
N ILE B 485 -18.04 6.42 -1.35
CA ILE B 485 -17.76 6.58 -2.77
C ILE B 485 -18.82 5.86 -3.62
N LEU B 486 -19.23 4.68 -3.16
CA LEU B 486 -20.16 3.83 -3.87
C LEU B 486 -21.35 3.56 -2.94
N PRO B 487 -22.16 4.58 -2.68
CA PRO B 487 -23.21 4.43 -1.68
C PRO B 487 -24.27 3.35 -1.98
N ARG B 488 -24.70 3.26 -3.25
CA ARG B 488 -25.71 2.26 -3.62
C ARG B 488 -25.13 0.86 -3.76
N LYS B 489 -23.99 0.76 -4.45
CA LYS B 489 -23.37 -0.52 -4.65
C LYS B 489 -22.89 -1.14 -3.33
N SER B 490 -22.51 -0.30 -2.37
CA SER B 490 -22.10 -0.80 -1.06
C SER B 490 -23.24 -1.54 -0.38
N VAL B 491 -24.45 -1.03 -0.56
CA VAL B 491 -25.63 -1.68 0.00
C VAL B 491 -25.84 -3.04 -0.67
N VAL B 492 -25.71 -3.07 -2.00
CA VAL B 492 -25.85 -4.33 -2.74
C VAL B 492 -24.83 -5.36 -2.24
N ILE B 493 -23.60 -4.91 -2.04
CA ILE B 493 -22.54 -5.79 -1.57
C ILE B 493 -22.84 -6.31 -0.18
N PHE B 494 -23.24 -5.42 0.72
CA PHE B 494 -23.59 -5.84 2.07
C PHE B 494 -24.77 -6.81 2.09
N ASP B 495 -25.75 -6.57 1.23
CA ASP B 495 -26.89 -7.48 1.10
C ASP B 495 -26.45 -8.89 0.69
N MET B 496 -25.56 -8.95 -0.30
CA MET B 496 -25.02 -10.24 -0.77
C MET B 496 -24.27 -10.95 0.34
N LEU B 497 -23.46 -10.21 1.08
CA LEU B 497 -22.68 -10.75 2.19
C LEU B 497 -23.54 -11.07 3.43
N GLY B 498 -24.80 -10.62 3.43
CA GLY B 498 -25.68 -10.79 4.58
C GLY B 498 -25.27 -9.99 5.82
N VAL B 499 -24.54 -8.88 5.61
CA VAL B 499 -24.11 -8.03 6.72
C VAL B 499 -25.30 -7.31 7.32
N PRO B 500 -25.60 -7.55 8.60
CA PRO B 500 -26.70 -6.83 9.24
C PRO B 500 -26.52 -5.32 9.21
N GLU B 501 -27.64 -4.61 9.16
CA GLU B 501 -27.65 -3.15 9.09
C GLU B 501 -26.72 -2.50 10.09
N VAL B 502 -26.84 -2.93 11.34
CA VAL B 502 -26.09 -2.38 12.45
C VAL B 502 -24.58 -2.42 12.20
N HIS B 503 -24.12 -3.39 11.40
CA HIS B 503 -22.70 -3.49 11.09
C HIS B 503 -22.28 -2.69 9.86
N ARG B 504 -23.19 -1.93 9.25
CA ARG B 504 -22.87 -1.16 8.04
C ARG B 504 -22.42 0.26 8.32
N LYS B 505 -22.45 0.69 9.59
CA LYS B 505 -21.93 1.99 9.97
C LYS B 505 -21.30 1.92 11.37
N GLY B 506 -20.57 2.97 11.75
CA GLY B 506 -20.00 3.08 13.07
C GLY B 506 -18.56 2.64 13.11
N ILE B 507 -17.73 3.42 13.80
CA ILE B 507 -16.30 3.15 13.89
C ILE B 507 -15.97 1.79 14.54
N GLU B 508 -16.84 1.33 15.43
CA GLU B 508 -16.70 0.00 16.04
C GLU B 508 -16.65 -1.10 14.96
N ASN B 509 -17.34 -0.90 13.84
CA ASN B 509 -17.34 -1.88 12.73
C ASN B 509 -16.19 -1.77 11.72
N PHE B 510 -15.31 -0.81 11.91
CA PHE B 510 -14.06 -0.78 11.16
C PHE B 510 -13.18 -1.97 11.58
N GLU B 511 -13.39 -2.44 12.81
CA GLU B 511 -12.55 -3.49 13.38
C GLU B 511 -12.75 -4.86 12.75
N PHE B 512 -11.65 -5.56 12.57
CA PHE B 512 -11.63 -6.89 11.99
C PHE B 512 -12.44 -7.83 12.87
N GLY B 513 -13.40 -8.53 12.27
CA GLY B 513 -14.14 -9.59 12.95
C GLY B 513 -15.46 -9.16 13.53
N ALA B 514 -16.04 -8.08 13.02
CA ALA B 514 -17.26 -7.51 13.59
C ALA B 514 -18.50 -8.32 13.24
N VAL B 515 -18.41 -9.14 12.18
CA VAL B 515 -19.51 -9.97 11.73
C VAL B 515 -19.21 -11.42 12.07
N PRO B 516 -19.97 -12.00 13.00
CA PRO B 516 -19.66 -13.34 13.49
C PRO B 516 -19.88 -14.46 12.47
N PRO B 517 -19.07 -15.52 12.55
CA PRO B 517 -19.36 -16.72 11.78
C PRO B 517 -20.78 -17.24 12.04
N GLY B 518 -21.39 -17.80 11.01
CA GLY B 518 -22.77 -18.30 11.08
C GLY B 518 -23.75 -17.36 10.41
N THR B 519 -23.34 -16.09 10.26
CA THR B 519 -24.13 -15.11 9.52
C THR B 519 -24.42 -15.63 8.11
N ARG B 520 -25.70 -15.66 7.73
CA ARG B 520 -26.12 -16.19 6.44
C ARG B 520 -25.95 -15.13 5.38
N LEU B 521 -25.55 -15.55 4.19
CA LEU B 521 -25.46 -14.63 3.04
C LEU B 521 -26.85 -14.31 2.55
N GLY B 522 -26.96 -13.21 1.81
CA GLY B 522 -28.22 -12.83 1.18
C GLY B 522 -28.52 -13.75 0.01
N PRO B 523 -29.78 -13.80 -0.42
CA PRO B 523 -30.14 -14.66 -1.54
C PRO B 523 -29.47 -14.25 -2.84
N ALA B 524 -29.32 -15.21 -3.75
CA ALA B 524 -28.73 -14.93 -5.06
C ALA B 524 -29.83 -14.58 -6.05
N VAL B 525 -29.56 -13.59 -6.90
CA VAL B 525 -30.43 -13.23 -8.01
C VAL B 525 -29.91 -14.00 -9.23
N GLU B 526 -30.82 -14.57 -10.01
CA GLU B 526 -30.49 -15.58 -11.03
C GLU B 526 -29.30 -15.24 -11.96
N GLY B 527 -29.28 -14.03 -12.52
CA GLY B 527 -28.23 -13.62 -13.44
C GLY B 527 -27.59 -12.28 -13.12
N GLU B 528 -27.66 -11.88 -11.85
CA GLU B 528 -27.21 -10.56 -11.43
C GLU B 528 -25.72 -10.32 -11.64
N VAL B 529 -25.36 -9.05 -11.80
CA VAL B 529 -23.96 -8.60 -11.72
C VAL B 529 -23.92 -7.33 -10.89
N LEU B 530 -22.73 -7.02 -10.39
CA LEU B 530 -22.53 -5.84 -9.59
C LEU B 530 -22.16 -4.68 -10.51
N PHE B 531 -21.14 -4.88 -11.34
CA PHE B 531 -20.75 -3.93 -12.37
C PHE B 531 -20.63 -4.64 -13.71
N SER B 532 -21.39 -4.18 -14.69
CA SER B 532 -21.32 -4.76 -16.03
C SER B 532 -20.16 -4.15 -16.80
N LYS B 533 -19.25 -5.01 -17.29
CA LYS B 533 -18.14 -4.57 -18.12
C LYS B 533 -18.67 -4.10 -19.47
N ARG B 534 -17.91 -3.23 -20.13
CA ARG B 534 -18.35 -2.58 -21.36
C ARG B 534 -17.29 -2.67 -22.45
N SER B 535 -17.77 -2.68 -23.70
CA SER B 535 -16.96 -2.98 -24.86
C SER B 535 -15.77 -2.04 -25.06
N THR B 536 -14.73 -2.59 -25.68
CA THR B 536 -13.46 -1.90 -25.91
C THR B 536 -13.17 -1.73 -27.40
N MET C . 22.56 -31.88 -3.56
CA MET C . 21.17 -31.49 -3.88
C MET C . 21.17 -30.55 -5.08
O MET C . 22.19 -29.89 -5.39
CB MET C . 20.48 -30.80 -2.67
CG MET C . 20.57 -31.55 -1.34
SD MET C . 19.75 -30.66 0.01
CE MET C . 19.65 -31.89 1.32
OXT MET C . 20.15 -30.38 -5.74
S DMS D . 6.26 -33.89 -5.42
O DMS D . 4.92 -33.42 -5.82
C1 DMS D . 6.86 -34.98 -6.59
C2 DMS D . 7.33 -32.56 -5.52
S DMS E . 10.71 -32.95 -7.95
O DMS E . 9.82 -34.11 -7.72
C1 DMS E . 9.90 -31.77 -8.89
C2 DMS E . 10.88 -32.07 -6.52
S DMS F . 21.30 -53.03 8.33
O DMS F . 22.53 -53.40 7.61
C1 DMS F . 20.81 -54.41 9.22
C2 DMS F . 21.71 -51.94 9.59
C1 4RC G . -24.59 40.43 -4.25
N2 4RC G . -19.42 32.61 -7.50
C3 4RC G . -23.72 38.38 -5.19
N4 4RC G . -22.44 38.25 -6.98
C5 4RC G . -21.08 35.95 -8.05
C6 4RC G . -20.67 34.53 -8.40
C7 4RC G . -19.43 34.06 -7.70
C9 4RC G . -18.11 30.60 -7.19
CL1 4RC G . -17.18 35.16 -2.79
C14 4RC G . -17.78 33.67 -3.45
C13 4RC G . -18.30 32.72 -2.60
C12 4RC G . -18.79 31.55 -3.14
CL 4RC G . -19.46 30.36 -2.07
C15 4RC G . -17.72 33.47 -4.82
C16 4RC G . -18.22 32.29 -5.37
C11 4RC G . -18.76 31.30 -4.52
N3 4RC G . -19.25 30.12 -5.06
C10 4RC G . -19.22 29.83 -6.49
C8 4RC G . -18.19 32.08 -6.88
N1 4RC G . -21.90 35.97 -6.85
C4 4RC G . -22.53 37.05 -6.36
N 4RC G . -23.29 37.06 -5.29
C17 4RC G . -23.18 39.13 -6.23
N5 4RC G . -23.32 40.46 -6.38
C 4RC G . -24.03 41.06 -5.34
F 4RC G . -24.18 42.40 -5.47
C2 4RC G . -24.43 39.05 -4.19
C1 GOL H . -3.84 4.47 -12.98
O1 GOL H . -4.63 3.43 -12.36
C2 GOL H . -3.57 5.49 -11.89
O2 GOL H . -2.56 5.00 -11.01
C3 GOL H . -3.11 6.81 -12.40
O3 GOL H . -3.29 7.68 -11.26
S DMS I . -30.45 15.71 -1.27
O DMS I . -30.19 14.74 -0.20
C1 DMS I . -28.98 16.02 -2.08
C2 DMS I . -31.33 14.94 -2.52
#